data_5GKS
#
_entry.id   5GKS
#
_cell.length_a   139.356
_cell.length_b   41.167
_cell.length_c   155.996
_cell.angle_alpha   90.00
_cell.angle_beta   113.07
_cell.angle_gamma   90.00
#
_symmetry.space_group_name_H-M   'C 1 2 1'
#
loop_
_entity.id
_entity.type
_entity.pdbx_description
1 polymer 'IgG2, Fab (heavy chain)'
2 polymer 'lambda, Fab (light chain)'
3 non-polymer 'PHOSPHATE ION'
4 water water
#
loop_
_entity_poly.entity_id
_entity_poly.type
_entity_poly.pdbx_seq_one_letter_code
_entity_poly.pdbx_strand_id
1 'polypeptide(L)'
;QVQLQESGPGLVKSSETLSLTCTVSGGSISSYFWSWIRQPPGKGLEWIGYIYYSGSTNYNPSLKSRVTISLHTSKNQFSL
KLSSVTAADTAVYYCARHRNWLFDYWGQGTLVTVSSASTKGPSVFPLAPSSKSTSGGTAALGCLVKDYFPEPVTVSWNSG
ALTSGVHTFPAVLQSSGLYSLSSVVTVPSSSLGTQTYTCNVDHKPSNTKVDKTVERKC
;
A,C
2 'polypeptide(L)'
;QSALTQPRSVSGSPGQSVTISCTGTSSDVGGYNYVSWYQQHPGKAPKVMIYDVSKRPSGVPDRFSGSKSGNTASLTISGL
QAEDEADYYCCSYAGSYTYVFGTGTKVTVLGQPKANPTVTLFPPSSEELQANKATLVCLISDFYPGAVTVAWKADGSPVK
AGVETTKPSKQSNNKYAASSYLSLTPEQWKSHRSYSCQVTHEGSTVEKTVAPTECS
;
B,D
#
loop_
_chem_comp.id
_chem_comp.type
_chem_comp.name
_chem_comp.formula
PO4 non-polymer 'PHOSPHATE ION' 'O4 P -3'
#
# COMPACT_ATOMS: atom_id res chain seq x y z
N VAL A 2 -3.11 -19.68 0.31
CA VAL A 2 -2.22 -18.80 1.13
C VAL A 2 -1.66 -17.56 0.37
N GLN A 3 -1.92 -16.36 0.91
CA GLN A 3 -1.39 -15.09 0.38
C GLN A 3 -0.49 -14.42 1.42
N LEU A 4 0.61 -13.85 0.95
CA LEU A 4 1.59 -13.23 1.80
C LEU A 4 1.77 -11.81 1.30
N GLN A 5 1.95 -10.86 2.23
CA GLN A 5 2.12 -9.45 1.86
C GLN A 5 3.18 -8.82 2.73
N GLU A 6 4.25 -8.40 2.08
CA GLU A 6 5.34 -7.69 2.75
C GLU A 6 4.85 -6.25 3.02
N SER A 7 5.20 -5.70 4.16
CA SER A 7 5.04 -4.27 4.38
C SER A 7 6.30 -3.67 5.01
N GLY A 8 6.47 -2.36 4.89
CA GLY A 8 7.78 -1.80 5.15
C GLY A 8 7.99 -0.34 4.85
N PRO A 9 9.21 0.14 5.13
CA PRO A 9 9.55 1.56 5.09
C PRO A 9 9.90 2.14 3.73
N GLY A 10 10.13 1.29 2.72
CA GLY A 10 10.67 1.73 1.43
C GLY A 10 12.12 2.23 1.45
N LEU A 11 12.37 3.33 2.15
CA LEU A 11 13.72 3.90 2.31
C LEU A 11 14.24 3.67 3.74
N VAL A 12 15.48 3.20 3.84
CA VAL A 12 16.17 3.03 5.12
C VAL A 12 17.52 3.73 5.04
N LYS A 13 17.90 4.47 6.06
CA LYS A 13 19.19 5.12 6.07
C LYS A 13 20.27 4.08 6.30
N SER A 14 21.44 4.33 5.74
CA SER A 14 22.61 3.50 5.94
C SER A 14 22.95 3.42 7.42
N SER A 15 23.38 2.23 7.85
CA SER A 15 23.68 1.90 9.23
C SER A 15 22.47 1.82 10.20
N GLU A 16 21.24 2.02 9.72
CA GLU A 16 20.03 1.74 10.51
C GLU A 16 19.66 0.25 10.44
N THR A 17 18.66 -0.15 11.22
CA THR A 17 18.12 -1.51 11.17
C THR A 17 16.95 -1.57 10.18
N LEU A 18 16.99 -2.52 9.26
CA LEU A 18 15.85 -2.72 8.36
C LEU A 18 14.83 -3.62 9.05
N SER A 19 13.58 -3.16 9.15
CA SER A 19 12.46 -3.96 9.69
C SER A 19 11.36 -4.07 8.65
N LEU A 20 10.97 -5.31 8.37
CA LEU A 20 9.88 -5.64 7.45
C LEU A 20 8.95 -6.61 8.16
N THR A 21 7.69 -6.58 7.77
CA THR A 21 6.67 -7.54 8.24
C THR A 21 6.02 -8.19 7.06
N CYS A 22 5.63 -9.46 7.26
CA CYS A 22 4.85 -10.22 6.32
C CYS A 22 3.54 -10.63 7.02
N THR A 23 2.42 -10.18 6.50
CA THR A 23 1.11 -10.61 6.94
C THR A 23 0.62 -11.70 6.01
N VAL A 24 0.25 -12.83 6.61
CA VAL A 24 -0.24 -14.01 5.91
C VAL A 24 -1.76 -14.02 5.97
N SER A 25 -2.39 -14.28 4.84
CA SER A 25 -3.82 -14.58 4.81
C SER A 25 -4.08 -15.92 4.14
N GLY A 26 -5.24 -16.51 4.44
CA GLY A 26 -5.64 -17.82 3.90
C GLY A 26 -5.10 -19.03 4.64
N GLY A 27 -4.24 -18.84 5.64
CA GLY A 27 -3.77 -19.94 6.48
C GLY A 27 -3.01 -19.39 7.67
N SER A 28 -2.70 -20.25 8.62
CA SER A 28 -2.08 -19.86 9.90
C SER A 28 -0.56 -19.95 9.88
N ILE A 29 0.12 -18.99 10.51
CA ILE A 29 1.56 -19.13 10.70
C ILE A 29 1.90 -20.02 11.89
N SER A 30 0.89 -20.65 12.50
CA SER A 30 1.13 -21.68 13.50
C SER A 30 1.39 -23.08 12.88
N SER A 31 1.54 -23.16 11.55
CA SER A 31 2.07 -24.37 10.87
C SER A 31 3.27 -23.97 10.01
N TYR A 32 4.15 -24.93 9.73
CA TYR A 32 5.18 -24.89 8.71
C TYR A 32 6.32 -23.90 9.04
N PHE A 33 7.09 -23.51 8.02
CA PHE A 33 8.20 -22.55 8.18
C PHE A 33 7.84 -21.27 7.43
N TRP A 34 8.45 -20.17 7.84
CA TRP A 34 8.16 -18.85 7.29
C TRP A 34 9.48 -18.14 7.06
N SER A 35 9.71 -17.75 5.81
CA SER A 35 11.03 -17.36 5.31
C SER A 35 11.07 -15.99 4.64
N TRP A 36 12.29 -15.42 4.63
CA TRP A 36 12.63 -14.24 3.86
C TRP A 36 13.75 -14.52 2.86
N ILE A 37 13.58 -13.98 1.67
CA ILE A 37 14.53 -14.12 0.57
C ILE A 37 14.61 -12.76 -0.06
N ARG A 38 15.77 -12.40 -0.63
CA ARG A 38 15.89 -11.11 -1.29
C ARG A 38 16.60 -11.22 -2.61
N GLN A 39 16.47 -10.14 -3.37
CA GLN A 39 17.09 -10.05 -4.69
C GLN A 39 17.66 -8.66 -4.91
N PRO A 40 18.98 -8.50 -4.75
CA PRO A 40 19.58 -7.22 -5.13
C PRO A 40 19.34 -6.91 -6.61
N PRO A 41 19.00 -5.64 -6.94
CA PRO A 41 19.01 -5.34 -8.38
C PRO A 41 20.50 -5.44 -8.71
N GLY A 42 20.90 -6.60 -9.24
CA GLY A 42 22.31 -6.99 -9.24
C GLY A 42 22.60 -8.48 -9.37
N LYS A 43 21.77 -9.30 -8.75
CA LYS A 43 21.98 -10.74 -8.61
C LYS A 43 20.66 -11.51 -8.67
N GLY A 44 20.75 -12.82 -8.43
CA GLY A 44 19.58 -13.63 -8.27
C GLY A 44 19.07 -13.61 -6.84
N LEU A 45 18.31 -14.64 -6.51
CA LEU A 45 17.69 -14.75 -5.21
C LEU A 45 18.73 -15.11 -4.16
N GLU A 46 18.50 -14.63 -2.96
CA GLU A 46 19.34 -14.93 -1.82
C GLU A 46 18.45 -15.24 -0.62
N TRP A 47 18.56 -16.47 -0.12
CA TRP A 47 17.85 -16.89 1.07
C TRP A 47 18.42 -16.23 2.30
N ILE A 48 17.56 -15.60 3.09
CA ILE A 48 17.99 -14.90 4.30
C ILE A 48 17.87 -15.84 5.47
N GLY A 49 16.75 -16.54 5.57
CA GLY A 49 16.52 -17.42 6.68
C GLY A 49 15.07 -17.78 6.83
N TYR A 50 14.77 -18.57 7.87
CA TYR A 50 13.40 -18.82 8.21
C TYR A 50 13.20 -19.14 9.68
N ILE A 51 11.92 -19.09 10.05
CA ILE A 51 11.46 -19.40 11.39
C ILE A 51 10.43 -20.51 11.28
N TYR A 52 10.55 -21.52 12.13
CA TYR A 52 9.58 -22.60 12.23
C TYR A 52 8.44 -22.07 13.13
N TYR A 53 7.22 -22.60 13.01
CA TYR A 53 6.11 -22.08 13.81
C TYR A 53 6.36 -22.12 15.32
N SER A 54 7.27 -22.99 15.75
CA SER A 54 7.68 -23.11 17.15
C SER A 54 8.49 -21.93 17.68
N GLY A 55 9.05 -21.11 16.78
CA GLY A 55 9.96 -20.02 17.15
C GLY A 55 11.42 -20.30 16.83
N SER A 56 11.73 -21.57 16.53
CA SER A 56 13.06 -22.02 16.13
C SER A 56 13.49 -21.40 14.78
N THR A 57 14.70 -20.85 14.70
CA THR A 57 15.16 -20.17 13.49
C THR A 57 16.43 -20.79 12.93
N ASN A 58 16.65 -20.56 11.65
CA ASN A 58 17.93 -20.84 10.99
C ASN A 58 18.21 -19.83 9.90
N TYR A 59 19.43 -19.30 9.84
CA TYR A 59 19.74 -18.19 8.94
C TYR A 59 20.88 -18.56 7.96
N ASN A 60 20.92 -17.85 6.82
CA ASN A 60 22.05 -17.89 5.88
C ASN A 60 23.31 -17.60 6.70
N PRO A 61 24.31 -18.52 6.66
CA PRO A 61 25.53 -18.29 7.45
C PRO A 61 26.19 -16.91 7.26
N SER A 62 26.07 -16.31 6.09
CA SER A 62 26.75 -15.03 5.82
C SER A 62 25.94 -13.84 6.33
N LEU A 63 24.65 -14.03 6.62
CA LEU A 63 23.79 -12.99 7.18
C LEU A 63 23.45 -13.18 8.65
N LYS A 64 23.73 -14.36 9.19
CA LYS A 64 23.28 -14.76 10.53
C LYS A 64 23.57 -13.72 11.59
N SER A 65 24.81 -13.22 11.62
CA SER A 65 25.19 -12.24 12.67
C SER A 65 24.39 -10.92 12.67
N ARG A 66 23.64 -10.67 11.61
CA ARG A 66 22.94 -9.41 11.43
C ARG A 66 21.43 -9.52 11.38
N VAL A 67 20.89 -10.75 11.46
CA VAL A 67 19.50 -11.06 11.13
C VAL A 67 18.75 -11.53 12.38
N THR A 68 17.49 -11.12 12.47
CA THR A 68 16.51 -11.74 13.39
C THR A 68 15.20 -11.85 12.61
N ILE A 69 14.60 -13.03 12.68
CA ILE A 69 13.23 -13.30 12.21
C ILE A 69 12.40 -13.71 13.43
N SER A 70 11.24 -13.05 13.62
CA SER A 70 10.34 -13.27 14.75
C SER A 70 8.88 -13.47 14.28
N LEU A 71 8.11 -14.17 15.10
CA LEU A 71 6.67 -14.44 14.88
C LEU A 71 5.82 -13.47 15.67
N HIS A 72 4.73 -13.01 15.08
CA HIS A 72 3.74 -12.17 15.73
C HIS A 72 2.40 -12.82 15.43
N THR A 73 2.12 -13.87 16.17
CA THR A 73 0.99 -14.77 15.91
C THR A 73 -0.37 -14.11 16.13
N SER A 74 -0.43 -13.12 17.02
CA SER A 74 -1.69 -12.41 17.29
C SER A 74 -2.18 -11.62 16.05
N LYS A 75 -1.28 -11.36 15.11
CA LYS A 75 -1.63 -10.74 13.84
C LYS A 75 -1.34 -11.59 12.62
N ASN A 76 -1.07 -12.89 12.81
CA ASN A 76 -0.66 -13.77 11.71
C ASN A 76 0.47 -13.15 10.84
N GLN A 77 1.48 -12.63 11.54
CA GLN A 77 2.57 -11.92 10.90
C GLN A 77 3.89 -12.51 11.35
N PHE A 78 4.90 -12.37 10.51
CA PHE A 78 6.27 -12.59 10.94
C PHE A 78 7.15 -11.49 10.35
N SER A 79 8.29 -11.24 10.99
CA SER A 79 9.06 -10.07 10.65
C SER A 79 10.53 -10.40 10.38
N LEU A 80 11.23 -9.44 9.78
CA LEU A 80 12.65 -9.50 9.55
C LEU A 80 13.28 -8.25 10.14
N LYS A 81 14.37 -8.41 10.90
CA LYS A 81 15.23 -7.30 11.30
C LYS A 81 16.61 -7.56 10.77
N LEU A 82 17.11 -6.70 9.91
CA LEU A 82 18.47 -6.78 9.40
C LEU A 82 19.26 -5.57 9.91
N SER A 83 20.32 -5.82 10.67
CA SER A 83 21.00 -4.75 11.38
C SER A 83 21.99 -4.01 10.48
N SER A 84 22.17 -2.73 10.75
CA SER A 84 23.25 -1.94 10.18
C SER A 84 23.40 -2.12 8.68
N VAL A 85 22.32 -1.80 7.96
CA VAL A 85 22.31 -1.97 6.53
C VAL A 85 23.29 -1.04 5.81
N THR A 86 23.76 -1.50 4.66
CA THR A 86 24.57 -0.71 3.75
C THR A 86 23.95 -0.78 2.37
N ALA A 87 24.61 -0.11 1.42
CA ALA A 87 24.25 -0.18 0.00
C ALA A 87 24.08 -1.61 -0.55
N ALA A 88 24.90 -2.55 -0.07
CA ALA A 88 24.73 -3.96 -0.50
C ALA A 88 23.42 -4.60 -0.06
N ASP A 89 22.64 -3.95 0.84
CA ASP A 89 21.33 -4.52 1.25
C ASP A 89 20.11 -3.99 0.50
N THR A 90 20.30 -3.02 -0.40
CA THR A 90 19.22 -2.60 -1.30
C THR A 90 18.77 -3.84 -2.13
N ALA A 91 17.48 -4.14 -2.08
CA ALA A 91 16.94 -5.36 -2.73
C ALA A 91 15.44 -5.38 -2.63
N VAL A 92 14.83 -6.27 -3.39
CA VAL A 92 13.41 -6.61 -3.24
C VAL A 92 13.44 -7.71 -2.21
N TYR A 93 12.67 -7.55 -1.13
CA TYR A 93 12.59 -8.52 -0.08
C TYR A 93 11.27 -9.28 -0.24
N TYR A 94 11.38 -10.61 -0.29
CA TYR A 94 10.24 -11.49 -0.42
C TYR A 94 10.05 -12.31 0.85
N CYS A 95 8.81 -12.43 1.28
CA CYS A 95 8.44 -13.42 2.28
C CYS A 95 7.82 -14.61 1.57
N ALA A 96 8.02 -15.80 2.12
CA ALA A 96 7.46 -17.00 1.54
C ALA A 96 7.20 -18.07 2.59
N ARG A 97 6.18 -18.88 2.34
CA ARG A 97 5.96 -20.08 3.17
C ARG A 97 6.93 -21.13 2.69
N HIS A 98 7.52 -21.85 3.65
CA HIS A 98 8.41 -22.97 3.38
C HIS A 98 7.84 -24.25 4.01
N ARG A 99 7.84 -25.33 3.25
CA ARG A 99 7.12 -26.57 3.59
C ARG A 99 7.78 -27.67 2.79
N ASN A 100 7.98 -28.84 3.40
CA ASN A 100 8.47 -30.00 2.67
C ASN A 100 9.60 -29.69 1.66
N TRP A 101 10.68 -29.07 2.14
CA TRP A 101 11.91 -28.86 1.34
C TRP A 101 11.79 -27.89 0.16
N LEU A 102 10.77 -27.02 0.18
CA LEU A 102 10.54 -26.06 -0.90
C LEU A 102 9.83 -24.84 -0.37
N PHE A 103 9.73 -23.81 -1.21
CA PHE A 103 9.06 -22.57 -0.90
C PHE A 103 7.81 -22.49 -1.75
N ASP A 104 6.65 -22.82 -1.15
CA ASP A 104 5.43 -23.11 -1.95
C ASP A 104 4.54 -21.90 -2.23
N TYR A 105 4.58 -20.87 -1.39
CA TYR A 105 3.84 -19.64 -1.64
C TYR A 105 4.73 -18.47 -1.32
N TRP A 106 4.75 -17.50 -2.22
CA TRP A 106 5.64 -16.35 -2.15
C TRP A 106 4.80 -15.09 -2.13
N GLY A 107 5.26 -14.07 -1.43
CA GLY A 107 4.75 -12.72 -1.68
C GLY A 107 5.28 -12.15 -3.00
N GLN A 108 4.70 -11.04 -3.44
CA GLN A 108 5.17 -10.36 -4.65
C GLN A 108 6.45 -9.53 -4.45
N GLY A 109 6.81 -9.26 -3.19
CA GLY A 109 8.07 -8.64 -2.85
C GLY A 109 7.93 -7.13 -2.65
N THR A 110 8.89 -6.57 -1.95
CA THR A 110 8.91 -5.12 -1.75
C THR A 110 10.33 -4.62 -1.79
N LEU A 111 10.55 -3.58 -2.57
CA LEU A 111 11.86 -2.94 -2.71
C LEU A 111 12.22 -2.16 -1.46
N VAL A 112 13.34 -2.51 -0.86
CA VAL A 112 13.92 -1.65 0.18
C VAL A 112 15.13 -0.98 -0.42
N THR A 113 15.14 0.35 -0.39
CA THR A 113 16.32 1.13 -0.79
C THR A 113 17.08 1.57 0.46
N VAL A 114 18.39 1.32 0.47
CA VAL A 114 19.27 1.77 1.55
C VAL A 114 20.08 2.96 1.06
N SER A 115 19.81 4.11 1.65
CA SER A 115 20.56 5.34 1.37
C SER A 115 20.36 6.33 2.49
N SER A 116 21.46 6.91 2.98
CA SER A 116 21.38 8.01 3.92
C SER A 116 21.30 9.39 3.23
N ALA A 117 21.12 9.44 1.91
CA ALA A 117 21.17 10.71 1.17
C ALA A 117 19.97 11.60 1.47
N SER A 118 20.14 12.89 1.31
CA SER A 118 18.99 13.77 1.23
C SER A 118 18.99 14.25 -0.20
N THR A 119 17.96 15.02 -0.53
CA THR A 119 17.67 15.40 -1.88
C THR A 119 18.86 16.16 -2.45
N LYS A 120 19.20 15.77 -3.67
CA LYS A 120 20.30 16.38 -4.39
C LYS A 120 20.04 16.29 -5.88
N GLY A 121 20.16 17.41 -6.56
CA GLY A 121 20.05 17.44 -8.00
C GLY A 121 21.29 16.91 -8.68
N PRO A 122 21.16 16.47 -9.94
CA PRO A 122 22.25 15.81 -10.64
C PRO A 122 23.32 16.79 -11.13
N SER A 123 24.56 16.32 -11.30
CA SER A 123 25.52 16.99 -12.24
C SER A 123 25.38 16.24 -13.54
N VAL A 124 25.25 16.97 -14.62
CA VAL A 124 25.11 16.43 -15.94
C VAL A 124 26.42 16.62 -16.69
N PHE A 125 27.07 15.52 -17.08
CA PHE A 125 28.33 15.62 -17.80
C PHE A 125 28.13 15.19 -19.26
N PRO A 126 28.90 15.78 -20.19
CA PRO A 126 28.74 15.38 -21.58
C PRO A 126 29.45 14.05 -21.82
N LEU A 127 28.85 13.21 -22.67
CA LEU A 127 29.51 12.03 -23.24
C LEU A 127 29.76 12.35 -24.71
N ALA A 128 30.86 13.05 -24.97
CA ALA A 128 31.13 13.58 -26.32
C ALA A 128 31.52 12.50 -27.32
N PRO A 129 31.20 12.71 -28.61
CA PRO A 129 31.54 11.73 -29.64
C PRO A 129 33.01 11.74 -30.06
N SER A 130 33.43 10.67 -30.70
CA SER A 130 34.67 10.62 -31.49
C SER A 130 34.61 9.42 -32.42
N ALA A 139 27.78 8.03 -35.41
CA ALA A 139 28.40 8.68 -34.23
C ALA A 139 27.49 8.78 -33.01
N ALA A 140 27.93 8.20 -31.88
CA ALA A 140 27.14 8.15 -30.64
C ALA A 140 27.58 9.23 -29.65
N LEU A 141 26.61 9.81 -28.94
CA LEU A 141 26.91 10.81 -27.90
C LEU A 141 25.81 10.86 -26.87
N GLY A 142 26.11 11.43 -25.71
CA GLY A 142 25.17 11.38 -24.61
C GLY A 142 25.44 12.27 -23.42
N CYS A 143 24.70 11.97 -22.35
CA CYS A 143 24.71 12.74 -21.10
C CYS A 143 24.71 11.78 -19.94
N LEU A 144 25.64 12.03 -19.02
CA LEU A 144 25.77 11.27 -17.79
C LEU A 144 25.12 12.14 -16.71
N VAL A 145 24.03 11.65 -16.15
CA VAL A 145 23.24 12.32 -15.13
C VAL A 145 23.62 11.67 -13.82
N LYS A 146 24.53 12.34 -13.11
CA LYS A 146 25.26 11.70 -12.06
C LYS A 146 24.91 12.29 -10.69
N ASP A 147 24.73 11.40 -9.70
CA ASP A 147 24.68 11.74 -8.28
C ASP A 147 23.47 12.57 -7.85
N TYR A 148 22.28 12.03 -8.08
CA TYR A 148 21.05 12.67 -7.66
C TYR A 148 20.28 11.75 -6.70
N PHE A 149 19.35 12.36 -5.96
CA PHE A 149 18.48 11.65 -5.02
C PHE A 149 17.26 12.51 -4.73
N PRO A 150 16.05 11.95 -4.58
CA PRO A 150 15.71 10.56 -4.90
C PRO A 150 15.48 10.37 -6.40
N GLU A 151 15.07 9.17 -6.85
CA GLU A 151 14.47 9.06 -8.19
C GLU A 151 13.18 9.91 -8.25
N PRO A 152 12.68 10.29 -9.44
CA PRO A 152 13.21 9.96 -10.73
C PRO A 152 13.82 11.18 -11.44
N VAL A 153 14.54 10.90 -12.52
CA VAL A 153 14.99 11.86 -13.51
C VAL A 153 14.31 11.50 -14.83
N THR A 154 13.91 12.51 -15.60
CA THR A 154 13.56 12.33 -17.03
C THR A 154 14.62 13.00 -17.91
N VAL A 155 14.83 12.42 -19.10
CA VAL A 155 15.74 12.97 -20.10
C VAL A 155 15.03 13.01 -21.46
N SER A 156 15.04 14.18 -22.09
CA SER A 156 14.69 14.33 -23.49
C SER A 156 15.92 14.84 -24.25
N TRP A 157 15.89 14.74 -25.58
CA TRP A 157 16.91 15.38 -26.40
C TRP A 157 16.29 16.44 -27.30
N ASN A 158 16.97 17.57 -27.42
CA ASN A 158 16.49 18.72 -28.19
C ASN A 158 15.00 19.02 -27.91
N SER A 159 14.68 19.04 -26.62
CA SER A 159 13.36 19.38 -26.10
C SER A 159 12.23 18.51 -26.63
N GLY A 160 12.53 17.24 -26.96
CA GLY A 160 11.57 16.34 -27.59
C GLY A 160 11.75 16.13 -29.08
N ALA A 161 12.40 17.07 -29.77
CA ALA A 161 12.52 17.00 -31.23
C ALA A 161 13.40 15.86 -31.74
N LEU A 162 14.36 15.39 -30.91
CA LEU A 162 15.22 14.25 -31.28
C LEU A 162 14.78 12.99 -30.54
N THR A 163 14.37 11.96 -31.29
CA THR A 163 13.95 10.66 -30.72
C THR A 163 14.62 9.43 -31.37
N SER A 164 14.79 9.41 -32.68
CA SER A 164 15.36 8.21 -33.30
C SER A 164 16.79 8.01 -32.81
N GLY A 165 17.07 6.77 -32.45
CA GLY A 165 18.34 6.38 -31.88
C GLY A 165 18.58 6.80 -30.44
N VAL A 166 17.57 7.32 -29.72
CA VAL A 166 17.72 7.67 -28.29
C VAL A 166 17.43 6.45 -27.42
N HIS A 167 18.27 6.22 -26.40
CA HIS A 167 17.80 5.46 -25.26
C HIS A 167 18.40 5.98 -23.97
N THR A 168 17.50 6.14 -23.02
CA THR A 168 17.77 6.60 -21.69
C THR A 168 17.67 5.35 -20.82
N PHE A 169 18.75 5.05 -20.11
CA PHE A 169 18.92 3.78 -19.39
C PHE A 169 18.35 3.89 -17.97
N PRO A 170 18.00 2.74 -17.33
CA PRO A 170 17.60 2.80 -15.92
C PRO A 170 18.72 3.31 -14.99
N ALA A 171 18.33 3.88 -13.85
CA ALA A 171 19.30 4.43 -12.90
C ALA A 171 20.05 3.30 -12.19
N VAL A 172 21.31 3.53 -11.84
CA VAL A 172 22.00 2.68 -10.87
C VAL A 172 22.00 3.44 -9.55
N LEU A 173 21.97 2.71 -8.45
CA LEU A 173 22.18 3.30 -7.14
C LEU A 173 23.60 2.94 -6.76
N GLN A 174 24.41 3.97 -6.55
CA GLN A 174 25.83 3.78 -6.28
C GLN A 174 26.01 3.65 -4.78
N SER A 175 27.17 3.15 -4.37
CA SER A 175 27.47 2.96 -2.95
C SER A 175 27.44 4.25 -2.13
N SER A 176 27.59 5.40 -2.79
CA SER A 176 27.33 6.68 -2.17
C SER A 176 25.88 6.90 -1.69
N GLY A 177 24.93 6.08 -2.13
CA GLY A 177 23.52 6.31 -1.85
C GLY A 177 22.89 7.29 -2.82
N LEU A 178 23.59 7.63 -3.89
CA LEU A 178 23.07 8.53 -4.90
C LEU A 178 22.94 7.76 -6.18
N TYR A 179 21.97 8.15 -6.99
CA TYR A 179 21.72 7.54 -8.27
C TYR A 179 22.49 8.21 -9.43
N SER A 180 22.72 7.41 -10.48
CA SER A 180 23.11 7.95 -11.78
C SER A 180 22.42 7.18 -12.87
N LEU A 181 22.18 7.86 -13.97
CA LEU A 181 21.79 7.24 -15.21
C LEU A 181 22.45 7.98 -16.36
N SER A 182 22.34 7.40 -17.55
CA SER A 182 22.80 8.03 -18.77
C SER A 182 21.73 7.93 -19.82
N SER A 183 21.93 8.71 -20.87
CA SER A 183 21.07 8.77 -22.03
C SER A 183 22.01 8.93 -23.21
N VAL A 184 21.82 8.15 -24.27
CA VAL A 184 22.69 8.19 -25.44
C VAL A 184 21.83 8.41 -26.66
N VAL A 185 22.42 9.06 -27.67
CA VAL A 185 21.79 9.20 -28.98
C VAL A 185 22.81 8.88 -30.08
N THR A 186 22.38 8.13 -31.07
CA THR A 186 23.19 7.80 -32.23
C THR A 186 22.73 8.75 -33.32
N VAL A 187 23.65 9.53 -33.89
CA VAL A 187 23.33 10.49 -34.95
C VAL A 187 24.22 10.32 -36.18
N PRO A 188 23.83 10.92 -37.33
CA PRO A 188 24.70 10.83 -38.52
C PRO A 188 26.00 11.63 -38.36
N SER A 189 27.11 10.93 -38.60
CA SER A 189 28.49 11.45 -38.54
C SER A 189 28.66 12.91 -39.01
N SER A 190 28.08 13.24 -40.17
CA SER A 190 28.21 14.56 -40.78
C SER A 190 27.32 15.66 -40.18
N SER A 191 26.47 15.31 -39.21
CA SER A 191 25.61 16.28 -38.52
C SER A 191 26.33 17.07 -37.42
N LEU A 192 27.51 16.59 -37.00
CA LEU A 192 28.21 17.14 -35.82
C LEU A 192 28.59 18.62 -35.94
N GLY A 193 28.96 19.05 -37.15
CA GLY A 193 29.23 20.46 -37.41
C GLY A 193 27.96 21.28 -37.57
N THR A 194 27.00 20.73 -38.32
CA THR A 194 25.79 21.47 -38.70
C THR A 194 24.73 21.57 -37.58
N GLN A 195 24.65 20.57 -36.71
CA GLN A 195 23.57 20.50 -35.72
C GLN A 195 24.03 20.31 -34.28
N THR A 196 23.44 21.08 -33.36
CA THR A 196 23.63 20.93 -31.91
C THR A 196 22.75 19.82 -31.29
N TYR A 197 23.29 19.15 -30.29
CA TYR A 197 22.58 18.10 -29.56
C TYR A 197 22.56 18.39 -28.05
N THR A 198 21.35 18.56 -27.51
CA THR A 198 21.14 18.99 -26.13
C THR A 198 20.28 18.01 -25.39
N CYS A 199 20.78 17.52 -24.25
CA CYS A 199 19.96 16.69 -23.38
C CYS A 199 19.34 17.61 -22.35
N ASN A 200 18.02 17.42 -22.16
CA ASN A 200 17.20 18.14 -21.18
C ASN A 200 16.87 17.22 -20.03
N VAL A 201 17.46 17.51 -18.88
CA VAL A 201 17.39 16.63 -17.73
C VAL A 201 16.52 17.32 -16.71
N ASP A 202 15.46 16.63 -16.29
CA ASP A 202 14.51 17.16 -15.34
C ASP A 202 14.48 16.27 -14.09
N HIS A 203 14.79 16.89 -12.95
CA HIS A 203 14.77 16.24 -11.63
C HIS A 203 13.78 17.01 -10.74
N LYS A 204 12.51 16.62 -10.84
CA LYS A 204 11.41 17.28 -10.08
C LYS A 204 11.66 17.40 -8.57
N PRO A 205 12.18 16.34 -7.90
CA PRO A 205 12.35 16.41 -6.44
C PRO A 205 13.26 17.52 -5.91
N SER A 206 14.34 17.84 -6.61
CA SER A 206 15.25 18.91 -6.20
C SER A 206 14.93 20.23 -6.91
N ASN A 207 13.83 20.27 -7.69
CA ASN A 207 13.44 21.44 -8.47
C ASN A 207 14.53 21.87 -9.46
N THR A 208 15.19 20.90 -10.06
CA THR A 208 16.33 21.11 -10.96
C THR A 208 15.99 20.63 -12.35
N LYS A 209 16.19 21.52 -13.32
CA LYS A 209 16.25 21.19 -14.73
C LYS A 209 17.62 21.61 -15.27
N VAL A 210 18.22 20.74 -16.08
CA VAL A 210 19.47 21.06 -16.72
C VAL A 210 19.34 20.86 -18.22
N ASP A 211 19.86 21.83 -18.98
CA ASP A 211 20.11 21.67 -20.43
C ASP A 211 21.61 21.64 -20.69
N LYS A 212 22.11 20.48 -21.12
CA LYS A 212 23.51 20.31 -21.48
C LYS A 212 23.68 20.04 -23.00
N THR A 213 24.40 20.91 -23.69
CA THR A 213 24.68 20.76 -25.12
C THR A 213 26.01 20.01 -25.28
N VAL A 214 25.99 18.90 -26.02
CA VAL A 214 27.15 17.97 -26.03
C VAL A 214 28.09 18.18 -27.23
N GLU A 215 29.37 18.50 -26.91
CA GLU A 215 30.45 18.88 -27.88
C GLU A 215 29.97 19.84 -28.95
N SER B 2 27.91 -19.79 -1.53
CA SER B 2 28.07 -19.67 -3.02
C SER B 2 26.79 -20.04 -3.74
N ALA B 3 26.21 -19.08 -4.46
CA ALA B 3 24.99 -19.32 -5.23
C ALA B 3 25.21 -20.45 -6.23
N LEU B 4 24.16 -21.24 -6.49
CA LEU B 4 24.24 -22.34 -7.45
C LEU B 4 24.44 -21.76 -8.85
N THR B 5 25.23 -22.44 -9.68
CA THR B 5 25.61 -21.89 -10.98
C THR B 5 24.63 -22.28 -12.09
N GLN B 6 23.93 -21.29 -12.63
CA GLN B 6 23.06 -21.47 -13.79
C GLN B 6 23.61 -20.65 -14.94
N PRO B 7 23.22 -20.96 -16.19
CA PRO B 7 23.59 -20.09 -17.28
C PRO B 7 22.73 -18.83 -17.26
N ARG B 8 23.26 -17.75 -17.83
CA ARG B 8 22.59 -16.44 -17.79
C ARG B 8 21.34 -16.38 -18.68
N SER B 9 21.44 -16.99 -19.86
CA SER B 9 20.41 -16.89 -20.87
C SER B 9 20.26 -18.23 -21.59
N VAL B 10 19.02 -18.63 -21.85
CA VAL B 10 18.70 -19.68 -22.81
C VAL B 10 17.50 -19.19 -23.61
N SER B 11 17.40 -19.68 -24.84
CA SER B 11 16.35 -19.25 -25.75
C SER B 11 15.99 -20.34 -26.75
N GLY B 12 14.72 -20.36 -27.14
CA GLY B 12 14.23 -21.25 -28.20
C GLY B 12 12.94 -20.71 -28.79
N SER B 13 12.54 -21.25 -29.95
CA SER B 13 11.35 -20.76 -30.64
C SER B 13 10.11 -21.40 -30.01
N PRO B 14 8.91 -20.85 -30.32
CA PRO B 14 7.68 -21.51 -29.85
C PRO B 14 7.62 -22.94 -30.35
N GLY B 15 7.10 -23.84 -29.53
CA GLY B 15 7.03 -25.26 -29.86
C GLY B 15 8.28 -26.06 -29.55
N GLN B 16 9.40 -25.38 -29.31
CA GLN B 16 10.70 -26.02 -29.15
C GLN B 16 11.05 -26.17 -27.68
N SER B 17 12.23 -26.71 -27.44
CA SER B 17 12.69 -27.09 -26.13
C SER B 17 13.84 -26.19 -25.66
N VAL B 18 13.97 -26.04 -24.34
CA VAL B 18 15.18 -25.48 -23.74
C VAL B 18 15.52 -26.26 -22.47
N THR B 19 16.79 -26.30 -22.12
CA THR B 19 17.24 -26.89 -20.87
C THR B 19 18.12 -25.88 -20.10
N ILE B 20 17.87 -25.79 -18.78
CA ILE B 20 18.60 -24.93 -17.88
C ILE B 20 19.36 -25.80 -16.88
N SER B 21 20.68 -25.67 -16.83
CA SER B 21 21.48 -26.41 -15.84
C SER B 21 21.58 -25.63 -14.53
N CYS B 22 21.93 -26.35 -13.47
CA CYS B 22 22.07 -25.80 -12.15
C CYS B 22 23.12 -26.61 -11.41
N THR B 23 24.34 -26.08 -11.36
CA THR B 23 25.50 -26.79 -10.86
C THR B 23 25.84 -26.35 -9.44
N GLY B 24 25.80 -27.30 -8.50
CA GLY B 24 26.21 -27.07 -7.10
C GLY B 24 27.36 -27.98 -6.69
N THR B 25 27.29 -28.50 -5.47
CA THR B 25 28.32 -29.36 -4.90
C THR B 25 27.65 -30.55 -4.21
N SER B 26 28.49 -31.47 -3.71
CA SER B 26 28.04 -32.57 -2.88
C SER B 26 27.37 -32.14 -1.57
N SER B 27 27.65 -30.91 -1.12
CA SER B 27 26.99 -30.33 0.07
C SER B 27 25.54 -29.90 -0.19
N ASP B 28 25.17 -29.69 -1.45
CA ASP B 28 23.84 -29.17 -1.79
C ASP B 28 23.17 -30.00 -2.90
N VAL B 29 23.35 -29.66 -4.18
CA VAL B 29 22.66 -30.31 -5.28
C VAL B 29 22.98 -31.83 -5.31
N GLY B 30 24.27 -32.15 -5.18
CA GLY B 30 24.71 -33.54 -5.12
C GLY B 30 24.44 -34.32 -3.84
N GLY B 31 24.17 -33.60 -2.75
CA GLY B 31 23.96 -34.23 -1.43
C GLY B 31 22.56 -34.72 -1.14
N TYR B 32 21.56 -34.19 -1.82
CA TYR B 32 20.16 -34.48 -1.53
C TYR B 32 19.35 -34.45 -2.81
N ASN B 33 18.09 -34.90 -2.71
CA ASN B 33 17.12 -34.76 -3.79
C ASN B 33 16.09 -33.70 -3.43
N TYR B 34 16.57 -32.60 -2.87
CA TYR B 34 15.72 -31.50 -2.46
C TYR B 34 16.08 -30.31 -3.32
N VAL B 35 15.87 -30.48 -4.61
CA VAL B 35 16.12 -29.46 -5.60
C VAL B 35 14.79 -28.98 -6.14
N SER B 36 14.56 -27.68 -6.05
CA SER B 36 13.34 -27.09 -6.59
C SER B 36 13.66 -25.99 -7.60
N TRP B 37 12.70 -25.65 -8.44
CA TRP B 37 12.86 -24.61 -9.44
C TRP B 37 11.71 -23.64 -9.40
N TYR B 38 12.03 -22.35 -9.56
CA TYR B 38 11.05 -21.29 -9.49
C TYR B 38 11.03 -20.43 -10.73
N GLN B 39 9.83 -20.09 -11.18
CA GLN B 39 9.61 -19.22 -12.34
C GLN B 39 9.24 -17.86 -11.82
N GLN B 40 9.86 -16.81 -12.37
CA GLN B 40 9.53 -15.43 -11.94
C GLN B 40 9.28 -14.53 -13.14
N HIS B 41 8.04 -14.03 -13.24
CA HIS B 41 7.72 -12.95 -14.20
C HIS B 41 8.01 -11.62 -13.52
N PRO B 42 8.28 -10.55 -14.30
CA PRO B 42 8.49 -9.17 -13.80
C PRO B 42 7.44 -8.63 -12.80
N GLY B 43 7.87 -8.24 -11.62
CA GLY B 43 6.96 -7.78 -10.57
C GLY B 43 5.95 -8.79 -10.02
N LYS B 44 6.15 -10.09 -10.26
CA LYS B 44 5.22 -11.12 -9.74
C LYS B 44 5.92 -12.01 -8.74
N ALA B 45 5.13 -12.69 -7.92
CA ALA B 45 5.65 -13.64 -6.95
C ALA B 45 6.27 -14.83 -7.70
N PRO B 46 7.49 -15.28 -7.31
CA PRO B 46 8.01 -16.51 -7.88
C PRO B 46 7.05 -17.66 -7.65
N LYS B 47 6.97 -18.58 -8.61
CA LYS B 47 6.10 -19.75 -8.53
C LYS B 47 6.95 -21.03 -8.60
N VAL B 48 6.71 -21.98 -7.69
CA VAL B 48 7.38 -23.30 -7.74
C VAL B 48 6.92 -24.04 -9.00
N MET B 49 7.84 -24.47 -9.83
CA MET B 49 7.50 -25.27 -11.02
C MET B 49 7.89 -26.74 -10.85
N ILE B 50 8.96 -27.00 -10.12
CA ILE B 50 9.44 -28.36 -9.87
C ILE B 50 9.93 -28.42 -8.44
N TYR B 51 9.72 -29.55 -7.76
CA TYR B 51 10.33 -29.79 -6.45
C TYR B 51 10.80 -31.22 -6.34
N ASP B 52 11.61 -31.47 -5.31
CA ASP B 52 12.29 -32.76 -5.14
C ASP B 52 12.82 -33.28 -6.48
N VAL B 53 13.60 -32.46 -7.16
CA VAL B 53 14.23 -32.81 -8.46
C VAL B 53 13.30 -32.93 -9.67
N SER B 54 12.22 -33.68 -9.57
CA SER B 54 11.46 -34.05 -10.77
C SER B 54 9.93 -34.04 -10.63
N LYS B 55 9.42 -33.51 -9.53
CA LYS B 55 8.00 -33.64 -9.20
C LYS B 55 7.37 -32.31 -9.52
N ARG B 56 6.16 -32.38 -10.08
CA ARG B 56 5.41 -31.21 -10.50
C ARG B 56 4.27 -30.92 -9.51
N PRO B 57 4.16 -29.65 -9.05
CA PRO B 57 2.94 -29.23 -8.33
C PRO B 57 1.71 -29.35 -9.23
N SER B 58 0.54 -29.48 -8.60
CA SER B 58 -0.75 -29.49 -9.30
C SER B 58 -0.91 -28.18 -10.08
N GLY B 59 -1.42 -28.28 -11.31
CA GLY B 59 -1.54 -27.10 -12.17
C GLY B 59 -0.36 -26.81 -13.08
N VAL B 60 0.84 -27.26 -12.74
CA VAL B 60 2.03 -27.05 -13.60
C VAL B 60 1.98 -28.04 -14.76
N PRO B 61 2.10 -27.56 -16.02
CA PRO B 61 2.03 -28.47 -17.17
C PRO B 61 3.18 -29.46 -17.18
N ASP B 62 2.93 -30.67 -17.67
CA ASP B 62 3.96 -31.74 -17.70
C ASP B 62 5.08 -31.53 -18.74
N ARG B 63 4.95 -30.49 -19.58
CA ARG B 63 6.07 -30.02 -20.41
C ARG B 63 7.28 -29.54 -19.60
N PHE B 64 7.04 -29.06 -18.37
CA PHE B 64 8.11 -28.79 -17.43
C PHE B 64 8.52 -30.10 -16.77
N SER B 65 9.80 -30.45 -16.89
CA SER B 65 10.37 -31.63 -16.23
C SER B 65 11.74 -31.28 -15.63
N GLY B 66 12.10 -32.03 -14.60
CA GLY B 66 13.36 -31.83 -13.89
C GLY B 66 14.14 -33.13 -13.71
N SER B 67 15.45 -33.04 -13.84
CA SER B 67 16.36 -34.17 -13.63
C SER B 67 17.62 -33.70 -12.90
N LYS B 68 18.44 -34.67 -12.50
CA LYS B 68 19.70 -34.39 -11.84
C LYS B 68 20.70 -35.50 -12.13
N SER B 69 21.95 -35.10 -12.37
CA SER B 69 23.09 -36.02 -12.47
C SER B 69 24.24 -35.43 -11.66
N GLY B 70 24.71 -36.17 -10.66
CA GLY B 70 25.78 -35.71 -9.77
C GLY B 70 25.47 -34.38 -9.12
N ASN B 71 26.33 -33.40 -9.38
CA ASN B 71 26.22 -32.06 -8.80
C ASN B 71 25.47 -31.05 -9.67
N THR B 72 24.83 -31.50 -10.74
CA THR B 72 24.11 -30.63 -11.67
C THR B 72 22.67 -31.07 -11.82
N ALA B 73 21.74 -30.16 -11.52
CA ALA B 73 20.32 -30.34 -11.79
C ALA B 73 19.98 -29.64 -13.10
N SER B 74 18.92 -30.11 -13.74
CA SER B 74 18.47 -29.58 -15.01
C SER B 74 16.97 -29.44 -15.02
N LEU B 75 16.49 -28.32 -15.56
CA LEU B 75 15.08 -28.09 -15.83
C LEU B 75 14.91 -27.98 -17.34
N THR B 76 13.97 -28.77 -17.87
CA THR B 76 13.67 -28.79 -19.28
C THR B 76 12.23 -28.33 -19.52
N ILE B 77 12.08 -27.37 -20.45
CA ILE B 77 10.77 -26.80 -20.84
C ILE B 77 10.53 -27.15 -22.30
N SER B 78 9.76 -28.21 -22.54
CA SER B 78 9.35 -28.63 -23.89
C SER B 78 8.21 -27.75 -24.41
N GLY B 79 7.93 -27.82 -25.70
CA GLY B 79 6.82 -27.05 -26.29
C GLY B 79 6.66 -25.62 -25.78
N LEU B 80 7.69 -24.79 -25.96
CA LEU B 80 7.68 -23.41 -25.44
C LEU B 80 6.48 -22.61 -25.92
N GLN B 81 5.85 -21.91 -24.98
CA GLN B 81 4.82 -20.93 -25.27
C GLN B 81 5.25 -19.58 -24.68
N ALA B 82 4.76 -18.49 -25.26
CA ALA B 82 5.08 -17.10 -24.85
C ALA B 82 5.18 -16.89 -23.34
N GLU B 83 4.20 -17.42 -22.61
CA GLU B 83 4.15 -17.32 -21.15
C GLU B 83 5.31 -17.97 -20.38
N ASP B 84 6.08 -18.85 -21.03
CA ASP B 84 7.26 -19.46 -20.41
C ASP B 84 8.43 -18.50 -20.33
N GLU B 85 8.35 -17.39 -21.08
CA GLU B 85 9.34 -16.32 -20.99
C GLU B 85 9.33 -15.67 -19.61
N ALA B 86 10.41 -15.88 -18.87
CA ALA B 86 10.53 -15.49 -17.46
C ALA B 86 11.94 -15.79 -16.97
N ASP B 87 12.22 -15.44 -15.72
CA ASP B 87 13.47 -15.83 -15.09
C ASP B 87 13.21 -17.06 -14.27
N TYR B 88 14.18 -17.96 -14.24
CA TYR B 88 14.03 -19.20 -13.51
C TYR B 88 15.20 -19.38 -12.55
N TYR B 89 14.90 -19.76 -11.32
CA TYR B 89 15.93 -20.04 -10.31
C TYR B 89 15.81 -21.43 -9.76
N CYS B 90 16.95 -22.06 -9.56
CA CYS B 90 16.97 -23.36 -8.90
C CYS B 90 17.27 -23.05 -7.45
N CYS B 91 17.02 -24.03 -6.62
CA CYS B 91 17.24 -23.92 -5.20
C CYS B 91 17.58 -25.31 -4.70
N SER B 92 18.51 -25.44 -3.75
CA SER B 92 18.74 -26.69 -3.08
C SER B 92 18.86 -26.53 -1.59
N TYR B 93 18.38 -27.55 -0.87
CA TYR B 93 18.81 -27.80 0.50
C TYR B 93 20.35 -27.90 0.50
N ALA B 94 20.98 -27.28 1.50
CA ALA B 94 22.44 -27.23 1.62
C ALA B 94 22.97 -27.72 2.98
N GLY B 95 22.15 -28.47 3.72
CA GLY B 95 22.54 -29.03 5.00
C GLY B 95 22.35 -28.08 6.16
N SER B 96 22.22 -28.66 7.35
CA SER B 96 22.07 -27.92 8.59
C SER B 96 20.99 -26.82 8.48
N TYR B 97 19.80 -27.22 8.02
CA TYR B 97 18.65 -26.32 7.86
C TYR B 97 18.98 -25.03 7.14
N THR B 98 19.64 -25.14 5.98
CA THR B 98 19.93 -23.97 5.14
C THR B 98 19.61 -24.27 3.69
N TYR B 99 19.39 -23.21 2.92
CA TYR B 99 19.09 -23.29 1.49
C TYR B 99 19.94 -22.28 0.71
N VAL B 100 20.24 -22.65 -0.53
CA VAL B 100 21.00 -21.82 -1.45
C VAL B 100 20.28 -21.77 -2.81
N PHE B 101 20.08 -20.57 -3.34
CA PHE B 101 19.46 -20.37 -4.66
C PHE B 101 20.52 -20.17 -5.73
N GLY B 102 20.16 -20.55 -6.95
CA GLY B 102 21.00 -20.31 -8.11
C GLY B 102 20.95 -18.87 -8.58
N THR B 103 21.87 -18.57 -9.48
CA THR B 103 22.11 -17.22 -9.98
C THR B 103 21.08 -16.69 -10.97
N GLY B 104 20.21 -17.56 -11.46
CA GLY B 104 19.10 -17.16 -12.33
C GLY B 104 19.40 -17.27 -13.82
N THR B 105 18.41 -17.74 -14.58
CA THR B 105 18.53 -17.83 -16.04
C THR B 105 17.34 -17.12 -16.64
N LYS B 106 17.53 -16.26 -17.62
CA LYS B 106 16.38 -15.74 -18.36
C LYS B 106 16.10 -16.70 -19.49
N VAL B 107 14.86 -17.13 -19.62
CA VAL B 107 14.37 -17.93 -20.76
C VAL B 107 13.65 -16.96 -21.70
N THR B 108 14.13 -16.88 -22.94
CA THR B 108 13.48 -16.08 -23.98
C THR B 108 12.80 -17.01 -24.97
N VAL B 109 11.57 -16.65 -25.34
CA VAL B 109 10.84 -17.39 -26.37
C VAL B 109 10.94 -16.51 -27.59
N LEU B 110 11.67 -17.00 -28.59
CA LEU B 110 12.15 -16.14 -29.66
C LEU B 110 10.97 -15.70 -30.52
N GLY B 111 10.70 -14.39 -30.53
CA GLY B 111 9.65 -13.80 -31.38
C GLY B 111 10.13 -12.77 -32.40
N GLN B 112 11.44 -12.52 -32.45
CA GLN B 112 12.06 -11.57 -33.36
C GLN B 112 13.52 -12.04 -33.59
N PRO B 113 14.25 -11.40 -34.53
CA PRO B 113 15.58 -11.91 -34.85
C PRO B 113 16.63 -11.66 -33.77
N LYS B 114 17.50 -12.65 -33.56
CA LYS B 114 18.68 -12.42 -32.74
C LYS B 114 19.48 -11.21 -33.24
N ALA B 115 20.23 -10.58 -32.34
CA ALA B 115 21.00 -9.41 -32.72
C ALA B 115 22.04 -9.19 -31.67
N ASN B 116 23.26 -8.86 -32.11
CA ASN B 116 24.36 -8.58 -31.20
C ASN B 116 24.42 -7.11 -30.82
N PRO B 117 24.95 -6.80 -29.63
CA PRO B 117 24.84 -5.42 -29.13
C PRO B 117 25.73 -4.42 -29.88
N THR B 118 25.26 -3.19 -30.03
CA THR B 118 26.15 -2.05 -30.29
C THR B 118 26.73 -1.67 -28.94
N VAL B 119 28.04 -1.42 -28.87
CA VAL B 119 28.71 -1.11 -27.62
C VAL B 119 29.52 0.15 -27.82
N THR B 120 29.32 1.13 -26.94
CA THR B 120 30.00 2.43 -26.97
C THR B 120 30.58 2.66 -25.58
N LEU B 121 31.90 2.85 -25.49
CA LEU B 121 32.56 3.13 -24.21
C LEU B 121 33.02 4.57 -24.19
N PHE B 122 32.56 5.34 -23.21
CA PHE B 122 32.93 6.75 -23.07
C PHE B 122 33.95 6.90 -21.93
N PRO B 123 35.07 7.60 -22.20
CA PRO B 123 35.98 7.91 -21.08
C PRO B 123 35.34 8.95 -20.14
N PRO B 124 35.90 9.15 -18.95
CA PRO B 124 35.43 10.28 -18.14
C PRO B 124 35.62 11.62 -18.87
N SER B 125 34.66 12.54 -18.80
CA SER B 125 34.85 13.88 -19.39
C SER B 125 35.87 14.67 -18.58
N SER B 126 36.59 15.57 -19.24
CA SER B 126 37.45 16.52 -18.50
C SER B 126 36.64 17.33 -17.48
N GLU B 127 35.40 17.67 -17.79
CA GLU B 127 34.53 18.34 -16.81
C GLU B 127 34.33 17.50 -15.53
N GLU B 128 34.07 16.21 -15.70
CA GLU B 128 33.91 15.34 -14.52
C GLU B 128 35.26 15.23 -13.80
N LEU B 129 36.33 15.11 -14.57
CA LEU B 129 37.66 15.02 -13.97
C LEU B 129 37.99 16.28 -13.16
N GLN B 130 37.52 17.43 -13.61
CA GLN B 130 37.68 18.68 -12.88
C GLN B 130 36.86 18.71 -11.57
N ALA B 131 35.72 18.03 -11.60
CA ALA B 131 34.91 17.78 -10.40
C ALA B 131 35.51 16.71 -9.47
N ASN B 132 36.72 16.26 -9.77
CA ASN B 132 37.43 15.28 -8.99
C ASN B 132 36.76 13.89 -8.93
N LYS B 133 36.15 13.49 -10.05
CA LYS B 133 35.52 12.18 -10.20
C LYS B 133 35.82 11.66 -11.60
N ALA B 134 35.72 10.35 -11.76
CA ALA B 134 35.97 9.70 -13.05
C ALA B 134 35.05 8.49 -13.26
N THR B 135 34.14 8.60 -14.23
CA THR B 135 33.16 7.56 -14.51
C THR B 135 33.31 7.06 -15.95
N LEU B 136 33.65 5.79 -16.11
CA LEU B 136 33.61 5.17 -17.43
C LEU B 136 32.20 4.65 -17.66
N VAL B 137 31.67 4.90 -18.85
CA VAL B 137 30.29 4.62 -19.18
C VAL B 137 30.24 3.73 -20.42
N CYS B 138 29.80 2.51 -20.23
CA CYS B 138 29.67 1.52 -21.31
C CYS B 138 28.19 1.32 -21.62
N LEU B 139 27.79 1.76 -22.81
CA LEU B 139 26.42 1.71 -23.22
C LEU B 139 26.28 0.65 -24.30
N ILE B 140 25.24 -0.15 -24.15
CA ILE B 140 25.08 -1.41 -24.87
C ILE B 140 23.64 -1.41 -25.42
N SER B 141 23.47 -1.39 -26.74
CA SER B 141 22.13 -1.26 -27.31
C SER B 141 21.85 -2.25 -28.43
N ASP B 142 20.58 -2.36 -28.77
CA ASP B 142 20.12 -3.07 -29.95
C ASP B 142 20.56 -4.55 -29.94
N PHE B 143 20.30 -5.23 -28.82
CA PHE B 143 20.53 -6.67 -28.73
C PHE B 143 19.26 -7.44 -28.38
N TYR B 144 19.28 -8.71 -28.76
CA TYR B 144 18.20 -9.66 -28.54
C TYR B 144 18.84 -11.06 -28.64
N PRO B 145 18.55 -12.00 -27.73
CA PRO B 145 17.66 -11.86 -26.61
C PRO B 145 18.19 -10.88 -25.54
N GLY B 146 17.35 -10.53 -24.57
CA GLY B 146 17.67 -9.48 -23.60
C GLY B 146 18.50 -10.01 -22.45
N ALA B 147 19.73 -10.39 -22.72
CA ALA B 147 20.65 -10.85 -21.70
C ALA B 147 22.07 -10.74 -22.23
N VAL B 148 22.96 -10.25 -21.37
CA VAL B 148 24.32 -9.84 -21.73
C VAL B 148 25.22 -10.02 -20.52
N THR B 149 26.48 -10.35 -20.75
CA THR B 149 27.49 -10.38 -19.68
C THR B 149 28.50 -9.26 -19.95
N VAL B 150 28.76 -8.44 -18.94
CA VAL B 150 29.69 -7.32 -19.07
C VAL B 150 30.85 -7.57 -18.12
N ALA B 151 32.07 -7.53 -18.64
CA ALA B 151 33.29 -7.64 -17.86
C ALA B 151 34.15 -6.39 -18.09
N TRP B 152 34.65 -5.80 -17.02
CA TRP B 152 35.56 -4.66 -17.14
C TRP B 152 36.99 -5.13 -16.94
N LYS B 153 37.90 -4.52 -17.71
CA LYS B 153 39.32 -4.78 -17.59
C LYS B 153 40.10 -3.49 -17.36
N ALA B 154 41.13 -3.56 -16.53
CA ALA B 154 42.13 -2.49 -16.36
C ALA B 154 43.49 -3.08 -16.74
N ASP B 155 44.15 -2.49 -17.72
CA ASP B 155 45.36 -3.05 -18.35
C ASP B 155 45.19 -4.55 -18.61
N GLY B 156 44.04 -4.89 -19.21
CA GLY B 156 43.72 -6.26 -19.57
C GLY B 156 43.31 -7.22 -18.48
N SER B 157 43.52 -6.86 -17.20
CA SER B 157 43.18 -7.76 -16.09
C SER B 157 41.78 -7.41 -15.52
N PRO B 158 41.11 -8.38 -14.85
CA PRO B 158 39.74 -8.12 -14.37
C PRO B 158 39.61 -7.03 -13.29
N VAL B 159 38.52 -6.25 -13.36
CA VAL B 159 38.15 -5.28 -12.35
C VAL B 159 36.78 -5.66 -11.79
N LYS B 160 36.70 -5.89 -10.49
CA LYS B 160 35.39 -5.87 -9.83
C LYS B 160 35.46 -5.20 -8.47
N ALA B 161 35.86 -3.94 -8.52
CA ALA B 161 35.45 -2.92 -7.56
C ALA B 161 34.94 -1.76 -8.41
N GLY B 162 33.93 -1.07 -7.90
CA GLY B 162 33.40 0.13 -8.55
C GLY B 162 32.56 -0.10 -9.79
N VAL B 163 32.06 -1.34 -9.99
CA VAL B 163 31.25 -1.66 -11.16
C VAL B 163 29.75 -1.72 -10.81
N GLU B 164 28.93 -1.04 -11.63
CA GLU B 164 27.47 -1.09 -11.51
C GLU B 164 26.89 -1.22 -12.91
N THR B 165 26.06 -2.25 -13.10
CA THR B 165 25.49 -2.61 -14.40
C THR B 165 23.97 -2.71 -14.27
N THR B 166 23.23 -2.21 -15.26
CA THR B 166 21.77 -2.29 -15.26
C THR B 166 21.24 -3.54 -15.95
N LYS B 167 20.06 -3.98 -15.53
CA LYS B 167 19.36 -5.09 -16.14
C LYS B 167 18.81 -4.62 -17.48
N PRO B 168 18.97 -5.44 -18.54
CA PRO B 168 18.50 -5.05 -19.89
C PRO B 168 17.06 -4.52 -19.92
N SER B 169 16.85 -3.39 -20.59
CA SER B 169 15.53 -2.75 -20.72
C SER B 169 15.08 -2.82 -22.18
N LYS B 170 13.80 -3.12 -22.42
CA LYS B 170 13.24 -3.04 -23.78
C LYS B 170 13.19 -1.60 -24.30
N GLN B 171 13.68 -1.42 -25.53
CA GLN B 171 13.67 -0.14 -26.24
C GLN B 171 12.40 -0.04 -27.07
N SER B 172 12.14 1.14 -27.62
CA SER B 172 10.97 1.38 -28.48
C SER B 172 10.96 0.53 -29.76
N ASN B 173 12.15 0.14 -30.25
CA ASN B 173 12.28 -0.78 -31.39
C ASN B 173 12.22 -2.29 -31.04
N ASN B 174 11.88 -2.60 -29.78
CA ASN B 174 11.71 -3.97 -29.27
C ASN B 174 12.99 -4.78 -29.00
N LYS B 175 14.16 -4.22 -29.32
CA LYS B 175 15.42 -4.84 -28.91
C LYS B 175 15.73 -4.37 -27.48
N TYR B 176 16.87 -4.80 -26.94
CA TYR B 176 17.24 -4.49 -25.54
C TYR B 176 18.44 -3.57 -25.43
N ALA B 177 18.57 -2.95 -24.27
CA ALA B 177 19.65 -2.02 -23.95
C ALA B 177 20.11 -2.31 -22.52
N ALA B 178 21.39 -2.10 -22.24
CA ALA B 178 21.98 -2.22 -20.90
C ALA B 178 23.09 -1.18 -20.76
N SER B 179 23.42 -0.82 -19.52
CA SER B 179 24.49 0.14 -19.25
C SER B 179 25.40 -0.43 -18.19
N SER B 180 26.68 -0.10 -18.23
CA SER B 180 27.57 -0.43 -17.14
C SER B 180 28.47 0.74 -16.81
N TYR B 181 28.84 0.87 -15.53
CA TYR B 181 29.65 1.99 -15.04
C TYR B 181 30.84 1.49 -14.20
N LEU B 182 32.04 1.97 -14.53
CA LEU B 182 33.18 1.82 -13.67
C LEU B 182 33.45 3.20 -13.03
N SER B 183 33.25 3.27 -11.73
CA SER B 183 33.34 4.49 -10.94
C SER B 183 34.68 4.51 -10.24
N LEU B 184 35.43 5.59 -10.41
CA LEU B 184 36.74 5.68 -9.79
C LEU B 184 37.19 7.11 -9.57
N THR B 185 38.34 7.24 -8.92
CA THR B 185 38.97 8.55 -8.69
C THR B 185 39.86 8.91 -9.90
N PRO B 186 40.11 10.23 -10.15
CA PRO B 186 40.99 10.66 -11.25
C PRO B 186 42.42 10.09 -11.25
N GLU B 187 42.99 9.86 -10.07
CA GLU B 187 44.29 9.17 -9.95
C GLU B 187 44.15 7.68 -10.32
N GLN B 188 43.10 7.00 -9.82
CA GLN B 188 42.84 5.61 -10.22
C GLN B 188 42.66 5.50 -11.75
N TRP B 189 41.97 6.45 -12.37
CA TRP B 189 41.81 6.56 -13.86
C TRP B 189 43.15 6.70 -14.55
N LYS B 190 43.99 7.52 -13.94
CA LYS B 190 45.36 7.72 -14.41
C LYS B 190 46.32 6.56 -14.09
N SER B 191 45.97 5.69 -13.12
CA SER B 191 46.85 4.57 -12.67
C SER B 191 46.92 3.34 -13.60
N HIS B 192 46.13 3.33 -14.68
CA HIS B 192 46.22 2.30 -15.71
C HIS B 192 46.37 2.90 -17.13
N ARG B 193 47.13 2.20 -18.00
CA ARG B 193 47.31 2.59 -19.41
C ARG B 193 46.02 2.47 -20.27
N SER B 194 45.19 1.46 -19.98
CA SER B 194 43.91 1.30 -20.68
C SER B 194 42.82 0.71 -19.79
N TYR B 195 41.58 0.96 -20.19
CA TYR B 195 40.39 0.34 -19.61
C TYR B 195 39.58 -0.18 -20.74
N SER B 196 38.90 -1.31 -20.52
CA SER B 196 38.06 -1.94 -21.53
C SER B 196 36.75 -2.41 -20.92
N CYS B 197 35.68 -2.28 -21.71
CA CYS B 197 34.37 -2.86 -21.38
C CYS B 197 34.13 -4.03 -22.33
N GLN B 198 33.96 -5.23 -21.79
CA GLN B 198 33.84 -6.45 -22.61
C GLN B 198 32.43 -7.00 -22.49
N VAL B 199 31.71 -7.04 -23.61
CA VAL B 199 30.32 -7.42 -23.61
C VAL B 199 30.20 -8.72 -24.35
N THR B 200 29.66 -9.72 -23.65
CA THR B 200 29.40 -11.04 -24.22
C THR B 200 27.90 -11.23 -24.44
N HIS B 201 27.55 -11.66 -25.65
CA HIS B 201 26.17 -11.90 -26.04
C HIS B 201 26.13 -13.03 -27.06
N GLU B 202 25.26 -14.03 -26.84
CA GLU B 202 25.11 -15.20 -27.74
C GLU B 202 26.44 -15.79 -28.18
N GLY B 203 27.34 -16.03 -27.22
CA GLY B 203 28.66 -16.62 -27.56
C GLY B 203 29.61 -15.74 -28.37
N SER B 204 29.29 -14.44 -28.48
CA SER B 204 30.14 -13.48 -29.18
C SER B 204 30.52 -12.37 -28.21
N THR B 205 31.75 -11.88 -28.31
CA THR B 205 32.24 -10.80 -27.49
C THR B 205 32.35 -9.52 -28.32
N VAL B 206 32.05 -8.38 -27.69
CA VAL B 206 32.38 -7.07 -28.27
C VAL B 206 33.09 -6.26 -27.19
N GLU B 207 34.30 -5.82 -27.51
CA GLU B 207 35.15 -5.14 -26.56
C GLU B 207 35.48 -3.76 -27.08
N LYS B 208 35.28 -2.76 -26.23
CA LYS B 208 35.78 -1.40 -26.49
C LYS B 208 36.73 -0.99 -25.41
N THR B 209 37.73 -0.22 -25.83
CA THR B 209 38.84 0.21 -24.99
C THR B 209 38.96 1.74 -25.04
N VAL B 210 39.36 2.34 -23.91
CA VAL B 210 39.72 3.76 -23.85
C VAL B 210 41.02 3.94 -23.06
N ALA B 211 41.72 5.06 -23.32
CA ALA B 211 42.93 5.43 -22.58
C ALA B 211 43.01 6.94 -22.25
N PRO B 212 43.61 7.29 -21.09
CA PRO B 212 43.94 8.71 -20.81
C PRO B 212 45.21 9.15 -21.54
N VAL C 2 -2.45 21.79 -4.65
CA VAL C 2 -3.70 22.46 -4.17
C VAL C 2 -4.97 21.63 -4.39
N GLN C 3 -4.91 20.50 -5.12
CA GLN C 3 -6.03 19.54 -5.19
C GLN C 3 -5.48 18.11 -5.10
N LEU C 4 -6.13 17.29 -4.27
CA LEU C 4 -5.79 15.89 -4.07
C LEU C 4 -7.01 15.05 -4.38
N GLN C 5 -6.83 13.96 -5.12
CA GLN C 5 -7.93 13.07 -5.47
C GLN C 5 -7.54 11.61 -5.21
N GLU C 6 -8.33 10.95 -4.36
CA GLU C 6 -8.19 9.53 -4.04
C GLU C 6 -8.82 8.70 -5.16
N SER C 7 -8.23 7.55 -5.44
CA SER C 7 -8.93 6.49 -6.17
C SER C 7 -8.72 5.13 -5.51
N GLY C 8 -9.72 4.27 -5.63
CA GLY C 8 -9.77 3.05 -4.83
C GLY C 8 -10.76 2.06 -5.41
N PRO C 9 -10.73 0.83 -4.90
CA PRO C 9 -11.54 -0.27 -5.44
C PRO C 9 -13.00 -0.34 -4.99
N GLY C 10 -13.42 0.50 -4.04
CA GLY C 10 -14.79 0.42 -3.50
C GLY C 10 -15.02 -0.77 -2.57
N LEU C 11 -15.21 -1.96 -3.13
CA LEU C 11 -15.42 -3.19 -2.35
C LEU C 11 -14.17 -4.10 -2.38
N VAL C 12 -13.65 -4.43 -1.19
CA VAL C 12 -12.46 -5.28 -1.06
C VAL C 12 -12.87 -6.48 -0.19
N LYS C 13 -12.44 -7.68 -0.56
CA LYS C 13 -12.76 -8.86 0.25
C LYS C 13 -11.89 -8.86 1.47
N SER C 14 -12.39 -9.46 2.55
CA SER C 14 -11.60 -9.51 3.76
C SER C 14 -10.38 -10.41 3.52
N SER C 15 -9.30 -10.10 4.22
CA SER C 15 -8.00 -10.73 4.09
C SER C 15 -7.18 -10.32 2.82
N GLU C 16 -7.70 -9.42 1.99
CA GLU C 16 -6.95 -8.93 0.81
C GLU C 16 -6.17 -7.69 1.18
N THR C 17 -5.29 -7.26 0.26
CA THR C 17 -4.57 -6.04 0.43
C THR C 17 -5.40 -4.89 -0.16
N LEU C 18 -5.63 -3.86 0.63
CA LEU C 18 -6.24 -2.63 0.14
C LEU C 18 -5.13 -1.78 -0.51
N SER C 19 -5.38 -1.31 -1.74
CA SER C 19 -4.48 -0.38 -2.40
C SER C 19 -5.24 0.86 -2.89
N LEU C 20 -4.71 2.02 -2.53
CA LEU C 20 -5.32 3.34 -2.83
C LEU C 20 -4.22 4.22 -3.38
N THR C 21 -4.61 5.12 -4.28
CA THR C 21 -3.70 6.06 -4.90
C THR C 21 -4.32 7.45 -4.79
N CYS C 22 -3.47 8.43 -4.48
CA CYS C 22 -3.86 9.83 -4.43
C CYS C 22 -3.16 10.46 -5.60
N THR C 23 -3.89 11.25 -6.37
CA THR C 23 -3.28 12.04 -7.42
C THR C 23 -3.31 13.51 -7.03
N VAL C 24 -2.16 14.17 -7.15
CA VAL C 24 -2.00 15.53 -6.73
C VAL C 24 -1.96 16.39 -7.97
N SER C 25 -2.78 17.41 -8.00
CA SER C 25 -2.68 18.41 -9.08
C SER C 25 -2.60 19.80 -8.52
N GLY C 26 -2.10 20.71 -9.36
CA GLY C 26 -1.90 22.12 -9.03
C GLY C 26 -0.62 22.40 -8.25
N GLY C 27 0.31 21.45 -8.26
CA GLY C 27 1.49 21.53 -7.40
C GLY C 27 2.22 20.21 -7.36
N SER C 28 3.54 20.26 -7.18
CA SER C 28 4.35 19.04 -7.17
C SER C 28 4.51 18.46 -5.78
N ILE C 29 4.98 17.21 -5.78
CA ILE C 29 5.23 16.45 -4.58
C ILE C 29 6.35 17.07 -3.70
N SER C 30 7.40 17.56 -4.35
CA SER C 30 8.56 18.04 -3.64
C SER C 30 8.31 19.04 -2.47
N SER C 31 9.12 18.87 -1.43
CA SER C 31 9.25 19.70 -0.21
C SER C 31 8.43 19.26 1.01
N TYR C 32 7.41 18.44 0.78
CA TYR C 32 6.34 18.24 1.72
C TYR C 32 6.26 16.77 2.13
N PHE C 33 5.42 16.52 3.13
CA PHE C 33 5.03 15.16 3.51
C PHE C 33 3.66 14.88 2.89
N TRP C 34 3.38 13.60 2.65
CA TRP C 34 2.14 13.17 1.99
C TRP C 34 1.48 12.04 2.78
N SER C 35 0.25 12.28 3.23
CA SER C 35 -0.36 11.50 4.30
C SER C 35 -1.68 10.82 3.91
N TRP C 36 -1.97 9.72 4.60
CA TRP C 36 -3.26 9.05 4.58
C TRP C 36 -3.91 9.07 5.97
N ILE C 37 -5.21 9.31 5.98
CA ILE C 37 -5.98 9.39 7.19
C ILE C 37 -7.26 8.64 6.86
N ARG C 38 -7.89 8.04 7.86
CA ARG C 38 -9.19 7.43 7.58
C ARG C 38 -10.19 7.68 8.67
N GLN C 39 -11.44 7.47 8.33
CA GLN C 39 -12.53 7.59 9.26
C GLN C 39 -13.48 6.38 9.16
N PRO C 40 -13.33 5.42 10.10
CA PRO C 40 -14.27 4.30 10.20
C PRO C 40 -15.66 4.75 10.62
N PRO C 41 -16.71 3.97 10.24
CA PRO C 41 -18.08 4.20 10.73
C PRO C 41 -18.09 4.39 12.24
N GLY C 42 -18.69 5.48 12.70
CA GLY C 42 -18.84 5.75 14.14
C GLY C 42 -17.53 5.90 14.89
N LYS C 43 -16.53 6.49 14.24
CA LYS C 43 -15.28 6.86 14.90
C LYS C 43 -14.80 8.19 14.34
N GLY C 44 -13.75 8.73 14.94
CA GLY C 44 -13.12 9.95 14.45
C GLY C 44 -12.15 9.67 13.33
N LEU C 45 -11.35 10.69 13.00
CA LEU C 45 -10.27 10.54 12.03
C LEU C 45 -9.16 9.76 12.69
N GLU C 46 -8.51 8.91 11.92
CA GLU C 46 -7.34 8.16 12.36
C GLU C 46 -6.19 8.38 11.37
N TRP C 47 -5.09 8.92 11.87
CA TRP C 47 -3.87 9.08 11.07
C TRP C 47 -3.30 7.71 10.77
N ILE C 48 -3.08 7.39 9.50
CA ILE C 48 -2.48 6.12 9.06
C ILE C 48 -0.96 6.26 8.95
N GLY C 49 -0.52 7.36 8.35
CA GLY C 49 0.90 7.60 8.21
C GLY C 49 1.19 8.57 7.11
N TYR C 50 2.48 8.82 6.89
CA TYR C 50 2.89 9.64 5.76
C TYR C 50 4.26 9.31 5.20
N ILE C 51 4.51 9.90 4.04
CA ILE C 51 5.76 9.77 3.31
C ILE C 51 6.34 11.18 3.00
N TYR C 52 7.63 11.36 3.25
CA TYR C 52 8.33 12.56 2.88
C TYR C 52 8.64 12.45 1.39
N TYR C 53 8.67 13.59 0.71
CA TYR C 53 8.96 13.57 -0.73
C TYR C 53 10.28 12.85 -1.06
N SER C 54 11.21 12.80 -0.11
CA SER C 54 12.45 12.05 -0.24
C SER C 54 12.24 10.53 -0.33
N GLY C 55 11.13 10.03 0.21
CA GLY C 55 10.90 8.58 0.33
C GLY C 55 10.80 8.05 1.76
N SER C 56 11.28 8.77 2.77
CA SER C 56 11.18 8.24 4.13
C SER C 56 9.75 8.32 4.69
N THR C 57 9.40 7.30 5.46
CA THR C 57 8.06 7.13 5.94
C THR C 57 8.03 7.12 7.44
N ASN C 58 6.86 7.44 7.99
CA ASN C 58 6.52 7.17 9.40
C ASN C 58 5.05 6.82 9.43
N TYR C 59 4.71 5.76 10.16
CA TYR C 59 3.34 5.21 10.18
C TYR C 59 2.78 5.29 11.60
N ASN C 60 1.46 5.22 11.72
CA ASN C 60 0.80 5.11 13.02
C ASN C 60 1.25 3.82 13.66
N PRO C 61 1.78 3.89 14.90
CA PRO C 61 2.30 2.69 15.52
C PRO C 61 1.32 1.52 15.61
N SER C 62 0.01 1.78 15.76
CA SER C 62 -0.97 0.69 15.84
C SER C 62 -1.19 0.01 14.46
N LEU C 63 -0.88 0.70 13.36
CA LEU C 63 -1.04 0.17 11.99
C LEU C 63 0.25 -0.14 11.27
N LYS C 64 1.36 0.24 11.88
CA LYS C 64 2.68 0.20 11.25
C LYS C 64 3.00 -1.11 10.57
N SER C 65 2.73 -2.22 11.25
CA SER C 65 3.00 -3.57 10.70
C SER C 65 2.22 -3.98 9.44
N ARG C 66 1.20 -3.22 9.07
CA ARG C 66 0.29 -3.55 7.95
C ARG C 66 0.35 -2.56 6.78
N VAL C 67 1.21 -1.54 6.89
CA VAL C 67 1.15 -0.37 6.02
C VAL C 67 2.41 -0.21 5.18
N THR C 68 2.21 0.13 3.90
CA THR C 68 3.27 0.65 3.03
C THR C 68 2.66 1.87 2.36
N ILE C 69 3.33 3.02 2.52
CA ILE C 69 3.07 4.21 1.72
C ILE C 69 4.25 4.40 0.77
N SER C 70 3.97 4.75 -0.49
CA SER C 70 4.99 4.88 -1.50
C SER C 70 4.68 6.06 -2.44
N LEU C 71 5.71 6.54 -3.10
CA LEU C 71 5.62 7.65 -4.04
C LEU C 71 5.75 7.18 -5.46
N HIS C 72 4.96 7.80 -6.33
CA HIS C 72 5.13 7.71 -7.78
C HIS C 72 5.10 9.14 -8.36
N THR C 73 6.17 9.86 -8.06
CA THR C 73 6.22 11.29 -8.27
C THR C 73 6.18 11.71 -9.74
N SER C 74 6.69 10.87 -10.63
CA SER C 74 6.53 11.11 -12.09
C SER C 74 5.05 11.31 -12.51
N LYS C 75 4.12 10.69 -11.79
CA LYS C 75 2.68 10.84 -12.06
C LYS C 75 1.96 11.72 -11.03
N ASN C 76 2.73 12.40 -10.20
CA ASN C 76 2.23 13.11 -9.02
C ASN C 76 1.28 12.29 -8.21
N GLN C 77 1.73 11.10 -7.83
CA GLN C 77 0.91 10.21 -7.06
C GLN C 77 1.63 9.68 -5.87
N PHE C 78 0.86 9.30 -4.85
CA PHE C 78 1.37 8.47 -3.79
C PHE C 78 0.26 7.47 -3.44
N SER C 79 0.66 6.37 -2.81
CA SER C 79 -0.27 5.28 -2.64
C SER C 79 -0.18 4.68 -1.24
N LEU C 80 -1.24 3.99 -0.88
CA LEU C 80 -1.30 3.27 0.37
C LEU C 80 -1.56 1.83 0.04
N LYS C 81 -0.83 0.92 0.69
CA LYS C 81 -1.17 -0.52 0.77
C LYS C 81 -1.38 -0.91 2.23
N LEU C 82 -2.55 -1.46 2.53
CA LEU C 82 -2.91 -1.91 3.85
C LEU C 82 -3.17 -3.42 3.76
N SER C 83 -2.39 -4.19 4.52
CA SER C 83 -2.45 -5.66 4.45
C SER C 83 -3.72 -6.22 5.07
N SER C 84 -4.13 -7.38 4.54
CA SER C 84 -5.10 -8.30 5.10
C SER C 84 -6.21 -7.61 5.88
N VAL C 85 -7.11 -7.01 5.14
CA VAL C 85 -8.11 -6.12 5.72
C VAL C 85 -9.22 -6.93 6.37
N THR C 86 -9.91 -6.30 7.32
CA THR C 86 -11.06 -6.88 7.98
C THR C 86 -12.15 -5.84 8.00
N ALA C 87 -13.30 -6.23 8.56
CA ALA C 87 -14.44 -5.34 8.76
C ALA C 87 -14.03 -4.05 9.50
N ALA C 88 -13.04 -4.13 10.40
CA ALA C 88 -12.49 -2.94 11.07
C ALA C 88 -11.79 -1.94 10.14
N ASP C 89 -11.51 -2.28 8.89
CA ASP C 89 -10.87 -1.32 7.97
C ASP C 89 -11.85 -0.65 7.00
N THR C 90 -13.13 -1.00 7.09
CA THR C 90 -14.17 -0.27 6.37
C THR C 90 -14.15 1.18 6.87
N ALA C 91 -14.07 2.11 5.93
CA ALA C 91 -13.83 3.52 6.27
C ALA C 91 -13.77 4.34 5.01
N VAL C 92 -13.85 5.66 5.22
CA VAL C 92 -13.52 6.65 4.21
C VAL C 92 -12.05 6.94 4.40
N TYR C 93 -11.29 6.81 3.32
CA TYR C 93 -9.88 7.01 3.33
C TYR C 93 -9.61 8.36 2.65
N TYR C 94 -8.82 9.19 3.31
CA TYR C 94 -8.49 10.52 2.83
C TYR C 94 -7.00 10.60 2.62
N CYS C 95 -6.60 11.28 1.53
CA CYS C 95 -5.24 11.74 1.37
C CYS C 95 -5.14 13.24 1.70
N ALA C 96 -3.99 13.64 2.23
CA ALA C 96 -3.76 15.04 2.60
C ALA C 96 -2.29 15.39 2.45
N ARG C 97 -1.99 16.64 2.10
CA ARG C 97 -0.63 17.18 2.18
C ARG C 97 -0.36 17.56 3.62
N HIS C 98 0.84 17.26 4.09
CA HIS C 98 1.28 17.58 5.44
C HIS C 98 2.53 18.48 5.42
N ARG C 99 2.48 19.59 6.16
CA ARG C 99 3.64 20.47 6.38
C ARG C 99 3.45 21.23 7.68
N ASN C 100 4.54 21.76 8.24
CA ASN C 100 4.46 22.65 9.40
C ASN C 100 3.43 22.16 10.44
N TRP C 101 3.63 20.96 10.94
CA TRP C 101 2.80 20.39 12.00
C TRP C 101 1.26 20.36 11.76
N LEU C 102 0.84 20.34 10.49
CA LEU C 102 -0.59 20.38 10.14
C LEU C 102 -0.83 19.75 8.77
N PHE C 103 -2.10 19.54 8.43
CA PHE C 103 -2.50 18.88 7.19
C PHE C 103 -3.30 19.89 6.37
N ASP C 104 -2.72 20.50 5.34
CA ASP C 104 -3.26 21.77 4.78
C ASP C 104 -4.22 21.70 3.61
N TYR C 105 -4.13 20.64 2.82
CA TYR C 105 -5.06 20.37 1.73
C TYR C 105 -5.38 18.89 1.79
N TRP C 106 -6.67 18.57 1.67
CA TRP C 106 -7.19 17.21 1.82
C TRP C 106 -7.96 16.87 0.57
N GLY C 107 -7.99 15.59 0.21
CA GLY C 107 -8.99 15.11 -0.74
C GLY C 107 -10.38 15.00 -0.11
N GLN C 108 -11.37 14.73 -0.94
CA GLN C 108 -12.76 14.53 -0.51
C GLN C 108 -12.97 13.15 0.12
N GLY C 109 -12.04 12.24 -0.12
CA GLY C 109 -12.03 10.94 0.54
C GLY C 109 -12.69 9.88 -0.33
N THR C 110 -12.41 8.60 -0.05
CA THR C 110 -13.01 7.51 -0.83
C THR C 110 -13.47 6.41 0.14
N LEU C 111 -14.71 5.96 -0.02
CA LEU C 111 -15.28 4.90 0.83
C LEU C 111 -14.74 3.53 0.44
N VAL C 112 -14.13 2.86 1.38
CA VAL C 112 -13.74 1.45 1.21
C VAL C 112 -14.64 0.61 2.12
N THR C 113 -15.28 -0.39 1.52
CA THR C 113 -16.11 -1.34 2.24
C THR C 113 -15.42 -2.69 2.15
N VAL C 114 -15.17 -3.29 3.32
CA VAL C 114 -14.58 -4.63 3.37
C VAL C 114 -15.66 -5.63 3.66
N SER C 115 -15.91 -6.52 2.70
CA SER C 115 -16.76 -7.67 2.90
C SER C 115 -16.37 -8.79 1.93
N SER C 116 -16.35 -10.02 2.42
CA SER C 116 -16.14 -11.21 1.59
C SER C 116 -17.48 -11.82 1.13
N ALA C 117 -18.62 -11.20 1.47
CA ALA C 117 -19.94 -11.76 1.17
C ALA C 117 -20.19 -11.96 -0.33
N SER C 118 -20.85 -13.04 -0.65
CA SER C 118 -21.51 -13.22 -1.93
C SER C 118 -22.96 -12.80 -1.74
N THR C 119 -23.64 -12.65 -2.86
CA THR C 119 -25.03 -12.21 -2.93
C THR C 119 -25.92 -13.10 -2.06
N LYS C 120 -26.76 -12.47 -1.23
CA LYS C 120 -27.68 -13.21 -0.39
C LYS C 120 -28.92 -12.39 -0.22
N GLY C 121 -30.07 -13.01 -0.38
CA GLY C 121 -31.34 -12.33 -0.14
C GLY C 121 -31.61 -12.21 1.34
N PRO C 122 -32.52 -11.28 1.71
CA PRO C 122 -32.79 -11.06 3.13
C PRO C 122 -33.72 -12.08 3.77
N SER C 123 -33.60 -12.26 5.09
CA SER C 123 -34.67 -12.82 5.89
C SER C 123 -35.47 -11.65 6.45
N VAL C 124 -36.79 -11.73 6.36
CA VAL C 124 -37.62 -10.64 6.85
C VAL C 124 -38.39 -11.13 8.06
N PHE C 125 -38.12 -10.53 9.21
CA PHE C 125 -38.78 -10.91 10.44
C PHE C 125 -39.75 -9.81 10.84
N PRO C 126 -40.90 -10.19 11.40
CA PRO C 126 -41.90 -9.20 11.80
C PRO C 126 -41.44 -8.51 13.07
N LEU C 127 -41.78 -7.24 13.18
CA LEU C 127 -41.61 -6.49 14.40
C LEU C 127 -43.03 -6.15 14.91
N ALA C 128 -43.59 -7.02 15.74
CA ALA C 128 -45.02 -6.99 16.03
C ALA C 128 -45.38 -5.86 16.99
N PRO C 129 -46.61 -5.29 16.86
CA PRO C 129 -47.11 -4.30 17.82
C PRO C 129 -47.59 -4.98 19.09
N ALA C 139 -49.55 3.01 17.81
CA ALA C 139 -48.83 1.73 17.84
C ALA C 139 -47.75 1.58 16.75
N ALA C 140 -46.58 1.12 17.17
CA ALA C 140 -45.44 0.92 16.27
C ALA C 140 -45.32 -0.56 15.90
N LEU C 141 -45.23 -0.83 14.59
CA LEU C 141 -44.96 -2.17 14.06
C LEU C 141 -44.07 -2.03 12.84
N GLY C 142 -43.40 -3.10 12.47
CA GLY C 142 -42.48 -3.05 11.35
C GLY C 142 -41.94 -4.37 10.86
N CYS C 143 -40.88 -4.27 10.06
CA CYS C 143 -40.18 -5.40 9.51
C CYS C 143 -38.67 -5.20 9.68
N LEU C 144 -38.00 -6.23 10.19
CA LEU C 144 -36.54 -6.30 10.24
C LEU C 144 -36.03 -7.08 9.00
N VAL C 145 -35.23 -6.43 8.17
CA VAL C 145 -34.77 -7.01 6.90
C VAL C 145 -33.30 -7.32 7.10
N LYS C 146 -33.01 -8.60 7.37
CA LYS C 146 -31.73 -8.98 7.94
C LYS C 146 -30.89 -9.85 6.99
N ASP C 147 -29.58 -9.61 7.01
CA ASP C 147 -28.55 -10.46 6.41
C ASP C 147 -28.58 -10.59 4.89
N TYR C 148 -28.55 -9.45 4.20
CA TYR C 148 -28.50 -9.41 2.75
C TYR C 148 -27.23 -8.76 2.25
N PHE C 149 -26.95 -9.05 0.98
CA PHE C 149 -25.81 -8.49 0.29
C PHE C 149 -26.04 -8.68 -1.20
N PRO C 150 -25.64 -7.75 -2.06
CA PRO C 150 -25.18 -6.41 -1.71
C PRO C 150 -26.40 -5.53 -1.43
N GLU C 151 -26.16 -4.26 -1.17
CA GLU C 151 -27.23 -3.25 -1.19
C GLU C 151 -27.74 -3.12 -2.65
N PRO C 152 -28.99 -2.68 -2.87
CA PRO C 152 -29.92 -2.16 -1.85
C PRO C 152 -31.12 -3.05 -1.69
N VAL C 153 -31.88 -2.84 -0.62
CA VAL C 153 -33.28 -3.32 -0.51
C VAL C 153 -34.19 -2.11 -0.51
N THR C 154 -35.37 -2.23 -1.10
CA THR C 154 -36.43 -1.24 -0.95
C THR C 154 -37.58 -1.90 -0.16
N VAL C 155 -38.32 -1.07 0.58
CA VAL C 155 -39.43 -1.54 1.40
C VAL C 155 -40.62 -0.61 1.14
N SER C 156 -41.76 -1.18 0.79
CA SER C 156 -43.03 -0.45 0.77
C SER C 156 -43.98 -1.18 1.72
N TRP C 157 -45.12 -0.54 1.97
CA TRP C 157 -46.13 -1.09 2.85
C TRP C 157 -47.47 -1.14 2.13
N ASN C 158 -48.15 -2.28 2.24
CA ASN C 158 -49.40 -2.57 1.50
C ASN C 158 -49.27 -2.13 0.04
N SER C 159 -48.24 -2.67 -0.63
CA SER C 159 -47.95 -2.41 -2.05
C SER C 159 -47.83 -0.91 -2.45
N GLY C 160 -47.35 -0.08 -1.53
CA GLY C 160 -47.20 1.36 -1.76
C GLY C 160 -48.34 2.20 -1.22
N ALA C 161 -49.45 1.55 -0.89
CA ALA C 161 -50.65 2.24 -0.45
C ALA C 161 -50.47 2.96 0.87
N LEU C 162 -49.69 2.38 1.78
CA LEU C 162 -49.44 2.97 3.09
C LEU C 162 -48.13 3.71 3.06
N THR C 163 -48.21 5.04 3.15
CA THR C 163 -47.02 5.91 3.22
C THR C 163 -46.94 6.81 4.48
N SER C 164 -48.09 7.08 5.09
CA SER C 164 -48.14 7.90 6.27
C SER C 164 -47.58 7.15 7.46
N GLY C 165 -46.64 7.80 8.16
CA GLY C 165 -46.05 7.26 9.37
C GLY C 165 -45.05 6.14 9.12
N VAL C 166 -44.64 5.95 7.86
CA VAL C 166 -43.64 4.94 7.46
C VAL C 166 -42.26 5.58 7.60
N HIS C 167 -41.35 4.92 8.30
CA HIS C 167 -39.93 5.30 8.26
C HIS C 167 -39.09 4.05 8.04
N THR C 168 -38.33 4.07 6.95
CA THR C 168 -37.39 3.04 6.59
C THR C 168 -35.99 3.63 6.83
N PHE C 169 -35.20 2.90 7.61
CA PHE C 169 -33.90 3.37 8.14
C PHE C 169 -32.74 2.87 7.26
N PRO C 170 -31.56 3.54 7.35
CA PRO C 170 -30.41 3.12 6.53
C PRO C 170 -29.93 1.73 6.94
N ALA C 171 -29.27 1.02 6.04
CA ALA C 171 -28.70 -0.28 6.39
C ALA C 171 -27.50 -0.11 7.32
N VAL C 172 -27.23 -1.12 8.12
CA VAL C 172 -25.94 -1.24 8.83
C VAL C 172 -25.21 -2.40 8.21
N LEU C 173 -23.89 -2.36 8.26
CA LEU C 173 -23.05 -3.45 7.78
C LEU C 173 -22.50 -4.13 9.00
N GLN C 174 -22.90 -5.38 9.18
CA GLN C 174 -22.46 -6.16 10.32
C GLN C 174 -21.06 -6.71 10.02
N SER C 175 -20.36 -7.17 11.06
CA SER C 175 -19.01 -7.74 10.91
C SER C 175 -19.01 -9.09 10.15
N SER C 176 -20.18 -9.69 9.99
CA SER C 176 -20.35 -10.82 9.07
C SER C 176 -20.13 -10.49 7.59
N GLY C 177 -20.14 -9.19 7.23
CA GLY C 177 -20.13 -8.78 5.84
C GLY C 177 -21.51 -8.56 5.24
N LEU C 178 -22.58 -8.80 6.01
CA LEU C 178 -23.94 -8.66 5.55
C LEU C 178 -24.62 -7.41 6.12
N TYR C 179 -25.54 -6.86 5.32
CA TYR C 179 -26.33 -5.71 5.70
C TYR C 179 -27.65 -6.12 6.37
N SER C 180 -28.17 -5.21 7.18
CA SER C 180 -29.51 -5.28 7.74
C SER C 180 -30.11 -3.88 7.78
N LEU C 181 -31.41 -3.76 7.57
CA LEU C 181 -32.12 -2.53 7.88
C LEU C 181 -33.45 -2.85 8.53
N SER C 182 -34.20 -1.82 8.90
CA SER C 182 -35.58 -1.99 9.32
C SER C 182 -36.51 -0.88 8.85
N SER C 183 -37.81 -1.21 8.81
CA SER C 183 -38.86 -0.26 8.44
C SER C 183 -39.96 -0.36 9.46
N VAL C 184 -40.41 0.80 9.94
CA VAL C 184 -41.42 0.88 10.97
C VAL C 184 -42.56 1.80 10.51
N VAL C 185 -43.79 1.41 10.86
CA VAL C 185 -44.94 2.27 10.67
C VAL C 185 -45.62 2.51 12.01
N THR C 186 -46.10 3.75 12.20
CA THR C 186 -46.94 4.10 13.36
C THR C 186 -48.40 4.18 12.89
N VAL C 187 -49.27 3.35 13.48
CA VAL C 187 -50.70 3.21 13.09
C VAL C 187 -51.63 3.46 14.30
N PRO C 188 -52.97 3.52 14.09
CA PRO C 188 -53.89 3.58 15.24
C PRO C 188 -54.13 2.21 15.89
N SER C 189 -54.20 2.19 17.22
CA SER C 189 -54.56 1.00 18.00
C SER C 189 -56.06 0.75 17.93
N THR C 196 -54.92 -4.98 7.82
CA THR C 196 -53.67 -5.74 7.70
C THR C 196 -52.51 -4.84 7.30
N TYR C 197 -51.31 -5.22 7.71
CA TYR C 197 -50.10 -4.45 7.41
C TYR C 197 -48.98 -5.36 6.90
N THR C 198 -48.59 -5.13 5.64
CA THR C 198 -47.69 -6.02 4.94
C THR C 198 -46.53 -5.21 4.43
N CYS C 199 -45.31 -5.62 4.79
CA CYS C 199 -44.12 -4.96 4.25
C CYS C 199 -43.72 -5.77 3.03
N ASN C 200 -43.40 -5.06 1.95
CA ASN C 200 -42.96 -5.64 0.69
C ASN C 200 -41.51 -5.27 0.56
N VAL C 201 -40.67 -6.27 0.64
CA VAL C 201 -39.25 -6.08 0.63
C VAL C 201 -38.81 -6.54 -0.73
N ASP C 202 -38.13 -5.66 -1.48
CA ASP C 202 -37.52 -6.06 -2.74
C ASP C 202 -35.99 -6.05 -2.63
N HIS C 203 -35.37 -7.21 -2.89
CA HIS C 203 -33.90 -7.28 -3.04
C HIS C 203 -33.50 -7.77 -4.43
N LYS C 204 -33.42 -6.81 -5.34
CA LYS C 204 -33.13 -7.07 -6.75
C LYS C 204 -31.82 -7.83 -7.02
N PRO C 205 -30.73 -7.51 -6.28
CA PRO C 205 -29.49 -8.23 -6.49
C PRO C 205 -29.54 -9.76 -6.35
N SER C 206 -30.47 -10.29 -5.52
CA SER C 206 -30.74 -11.76 -5.41
C SER C 206 -32.08 -12.19 -5.99
N ASN C 207 -32.74 -11.29 -6.74
CA ASN C 207 -34.00 -11.54 -7.42
C ASN C 207 -35.07 -12.08 -6.45
N THR C 208 -35.10 -11.51 -5.26
CA THR C 208 -35.97 -11.95 -4.16
C THR C 208 -36.94 -10.81 -3.82
N LYS C 209 -38.24 -11.11 -3.80
CA LYS C 209 -39.26 -10.22 -3.20
C LYS C 209 -39.93 -10.99 -2.06
N VAL C 210 -40.11 -10.32 -0.92
CA VAL C 210 -40.75 -10.92 0.25
C VAL C 210 -41.87 -9.99 0.70
N ASP C 211 -43.09 -10.54 0.79
CA ASP C 211 -44.23 -9.84 1.39
C ASP C 211 -44.45 -10.46 2.77
N LYS C 212 -44.25 -9.68 3.84
CA LYS C 212 -44.42 -10.14 5.21
C LYS C 212 -45.56 -9.38 5.88
N THR C 213 -46.61 -10.10 6.26
CA THR C 213 -47.76 -9.52 6.96
C THR C 213 -47.49 -9.62 8.46
N VAL C 214 -47.49 -8.47 9.12
CA VAL C 214 -47.08 -8.34 10.54
C VAL C 214 -48.32 -8.35 11.46
N GLU C 215 -48.40 -9.33 12.37
CA GLU C 215 -49.52 -9.58 13.31
C GLU C 215 -48.99 -9.72 14.75
N ARG C 216 -49.78 -9.38 15.76
CA ARG C 216 -49.38 -9.64 17.18
C ARG C 216 -49.34 -11.13 17.52
N SER D 2 -4.26 6.46 21.54
CA SER D 2 -5.75 6.67 21.53
C SER D 2 -6.13 8.10 21.17
N ALA D 3 -7.31 8.24 20.55
CA ALA D 3 -7.79 9.52 20.01
C ALA D 3 -7.95 10.61 21.07
N LEU D 4 -7.89 11.86 20.61
CA LEU D 4 -8.15 13.00 21.47
C LEU D 4 -9.66 13.04 21.71
N THR D 5 -10.09 13.19 22.96
CA THR D 5 -11.52 13.13 23.27
C THR D 5 -12.18 14.50 23.06
N GLN D 6 -13.27 14.51 22.31
CA GLN D 6 -14.08 15.69 22.06
C GLN D 6 -15.52 15.38 22.46
N PRO D 7 -16.36 16.41 22.64
CA PRO D 7 -17.77 16.10 22.84
C PRO D 7 -18.39 15.72 21.50
N ARG D 8 -19.38 14.85 21.53
CA ARG D 8 -20.03 14.40 20.31
C ARG D 8 -20.83 15.50 19.62
N SER D 9 -21.39 16.40 20.41
CA SER D 9 -22.36 17.38 19.95
C SER D 9 -22.16 18.69 20.70
N VAL D 10 -22.21 19.80 19.98
CA VAL D 10 -22.48 21.10 20.60
C VAL D 10 -23.44 21.82 19.66
N SER D 11 -24.33 22.60 20.24
CA SER D 11 -25.24 23.44 19.47
C SER D 11 -25.30 24.83 20.06
N GLY D 12 -25.69 25.77 19.22
CA GLY D 12 -25.94 27.14 19.64
C GLY D 12 -26.75 27.84 18.57
N SER D 13 -27.46 28.90 18.96
CA SER D 13 -28.19 29.72 18.00
C SER D 13 -27.20 30.57 17.21
N PRO D 14 -27.65 31.15 16.06
CA PRO D 14 -26.86 32.16 15.35
C PRO D 14 -26.41 33.29 16.27
N GLY D 15 -25.17 33.77 16.09
CA GLY D 15 -24.57 34.78 16.95
C GLY D 15 -23.91 34.29 18.24
N GLN D 16 -24.23 33.08 18.69
CA GLN D 16 -23.84 32.58 20.01
C GLN D 16 -22.39 32.08 20.07
N SER D 17 -21.80 32.18 21.26
CA SER D 17 -20.43 31.75 21.50
C SER D 17 -20.46 30.29 21.94
N VAL D 18 -19.82 29.43 21.14
CA VAL D 18 -19.71 28.00 21.43
C VAL D 18 -18.23 27.62 21.51
N THR D 19 -17.94 26.61 22.32
CA THR D 19 -16.58 26.12 22.48
C THR D 19 -16.60 24.60 22.34
N ILE D 20 -15.69 24.08 21.52
CA ILE D 20 -15.47 22.65 21.37
C ILE D 20 -14.15 22.34 22.06
N SER D 21 -14.18 21.42 23.02
CA SER D 21 -12.99 21.00 23.75
C SER D 21 -12.32 19.80 23.08
N CYS D 22 -11.07 19.59 23.45
CA CYS D 22 -10.24 18.53 22.89
C CYS D 22 -9.15 18.12 23.87
N THR D 23 -9.31 16.98 24.52
CA THR D 23 -8.44 16.56 25.62
C THR D 23 -7.52 15.40 25.22
N GLY D 24 -6.21 15.66 25.30
CA GLY D 24 -5.19 14.64 25.10
C GLY D 24 -4.30 14.50 26.32
N THR D 25 -3.14 13.89 26.15
CA THR D 25 -2.14 13.73 27.21
C THR D 25 -1.05 14.80 27.10
N SER D 26 -0.14 14.79 28.08
CA SER D 26 1.07 15.62 28.02
C SER D 26 2.06 15.15 26.93
N SER D 27 1.89 13.94 26.40
CA SER D 27 2.67 13.47 25.25
C SER D 27 2.18 14.00 23.88
N ASP D 28 1.12 14.81 23.86
CA ASP D 28 0.59 15.37 22.61
C ASP D 28 0.05 16.80 22.74
N VAL D 29 -1.19 16.97 23.22
CA VAL D 29 -1.80 18.30 23.32
C VAL D 29 -0.98 19.19 24.28
N GLY D 30 -0.64 18.65 25.44
CA GLY D 30 0.20 19.36 26.42
C GLY D 30 1.70 19.28 26.17
N GLY D 31 2.14 18.33 25.34
CA GLY D 31 3.55 18.22 24.98
C GLY D 31 4.08 19.27 24.02
N TYR D 32 3.20 19.93 23.28
CA TYR D 32 3.59 20.83 22.19
C TYR D 32 2.53 21.88 21.94
N ASN D 33 2.93 22.93 21.22
CA ASN D 33 1.99 23.94 20.71
C ASN D 33 1.63 23.69 19.25
N TYR D 34 1.33 22.43 18.94
CA TYR D 34 1.07 21.99 17.56
C TYR D 34 -0.31 21.33 17.50
N VAL D 35 -1.31 22.07 17.95
CA VAL D 35 -2.71 21.67 17.86
C VAL D 35 -3.33 22.36 16.65
N SER D 36 -3.96 21.58 15.80
CA SER D 36 -4.73 22.08 14.68
C SER D 36 -6.18 21.60 14.72
N TRP D 37 -7.05 22.32 14.03
CA TRP D 37 -8.48 22.03 14.00
C TRP D 37 -8.95 22.01 12.56
N TYR D 38 -9.79 21.04 12.24
CA TYR D 38 -10.29 20.82 10.88
C TYR D 38 -11.80 20.89 10.90
N GLN D 39 -12.38 21.55 9.89
CA GLN D 39 -13.82 21.62 9.71
C GLN D 39 -14.17 20.70 8.55
N GLN D 40 -15.26 19.95 8.70
CA GLN D 40 -15.72 19.11 7.61
C GLN D 40 -17.23 19.11 7.43
N HIS D 41 -17.65 19.67 6.30
CA HIS D 41 -19.04 19.53 5.81
C HIS D 41 -19.11 18.17 5.14
N PRO D 42 -20.27 17.50 5.18
CA PRO D 42 -20.39 16.11 4.71
C PRO D 42 -20.14 15.94 3.19
N GLY D 43 -19.34 14.94 2.83
CA GLY D 43 -18.91 14.73 1.46
C GLY D 43 -17.84 15.69 0.93
N LYS D 44 -17.32 16.57 1.80
CA LYS D 44 -16.31 17.55 1.38
C LYS D 44 -14.99 17.28 2.05
N ALA D 45 -13.91 17.80 1.46
CA ALA D 45 -12.60 17.73 2.06
C ALA D 45 -12.60 18.48 3.39
N PRO D 46 -12.00 17.89 4.44
CA PRO D 46 -11.73 18.69 5.64
C PRO D 46 -10.87 19.91 5.32
N LYS D 47 -11.05 21.02 6.04
CA LYS D 47 -10.20 22.20 5.82
C LYS D 47 -9.69 22.71 7.17
N VAL D 48 -8.43 23.16 7.18
CA VAL D 48 -7.77 23.63 8.40
C VAL D 48 -8.37 24.97 8.83
N MET D 49 -8.74 25.07 10.10
CA MET D 49 -9.36 26.27 10.66
C MET D 49 -8.44 26.97 11.63
N ILE D 50 -7.80 26.20 12.52
CA ILE D 50 -6.79 26.71 13.42
C ILE D 50 -5.55 25.81 13.32
N TYR D 51 -4.37 26.40 13.52
CA TYR D 51 -3.12 25.66 13.64
C TYR D 51 -2.21 26.35 14.64
N ASP D 52 -1.21 25.60 15.11
CA ASP D 52 -0.29 26.05 16.17
C ASP D 52 -1.07 26.63 17.35
N VAL D 53 -2.02 25.84 17.85
CA VAL D 53 -2.91 26.20 18.96
C VAL D 53 -3.92 27.33 18.64
N SER D 54 -3.45 28.48 18.14
CA SER D 54 -4.31 29.65 17.96
C SER D 54 -4.17 30.46 16.66
N LYS D 55 -3.32 30.02 15.73
CA LYS D 55 -3.09 30.77 14.50
C LYS D 55 -4.15 30.38 13.48
N ARG D 56 -4.65 31.37 12.74
CA ARG D 56 -5.64 31.15 11.69
C ARG D 56 -4.98 31.22 10.31
N PRO D 57 -5.34 30.30 9.39
CA PRO D 57 -4.92 30.48 8.00
C PRO D 57 -5.63 31.65 7.34
N SER D 58 -5.02 32.24 6.32
CA SER D 58 -5.64 33.31 5.55
C SER D 58 -6.89 32.76 4.85
N GLY D 59 -7.97 33.53 4.89
CA GLY D 59 -9.29 33.06 4.45
C GLY D 59 -10.24 32.71 5.60
N VAL D 60 -9.71 32.27 6.74
CA VAL D 60 -10.55 31.80 7.84
C VAL D 60 -11.06 32.99 8.66
N PRO D 61 -12.40 33.06 8.89
CA PRO D 61 -13.00 34.16 9.67
C PRO D 61 -12.39 34.38 11.06
N ASP D 62 -12.48 35.62 11.54
CA ASP D 62 -11.92 36.04 12.82
C ASP D 62 -12.61 35.39 14.01
N ARG D 63 -13.92 35.19 13.91
CA ARG D 63 -14.71 34.49 14.93
C ARG D 63 -14.12 33.13 15.41
N PHE D 64 -13.43 32.42 14.52
CA PHE D 64 -12.77 31.15 14.86
C PHE D 64 -11.51 31.39 15.67
N SER D 65 -11.42 30.73 16.82
CA SER D 65 -10.43 31.03 17.83
C SER D 65 -9.92 29.74 18.46
N GLY D 66 -8.65 29.74 18.84
CA GLY D 66 -8.02 28.55 19.42
C GLY D 66 -7.30 28.87 20.71
N SER D 67 -7.36 27.95 21.66
CA SER D 67 -6.63 28.10 22.93
C SER D 67 -6.25 26.73 23.49
N LYS D 68 -5.48 26.76 24.56
CA LYS D 68 -5.07 25.55 25.24
C LYS D 68 -4.83 25.80 26.71
N SER D 69 -5.36 24.92 27.55
CA SER D 69 -5.12 24.96 28.99
C SER D 69 -4.47 23.64 29.37
N GLY D 70 -3.15 23.57 29.21
CA GLY D 70 -2.38 22.38 29.55
C GLY D 70 -2.65 21.28 28.54
N ASN D 71 -3.40 20.24 28.97
CA ASN D 71 -3.67 19.05 28.16
C ASN D 71 -4.93 19.12 27.29
N THR D 72 -5.71 20.20 27.42
CA THR D 72 -6.96 20.35 26.70
C THR D 72 -6.91 21.58 25.80
N ALA D 73 -7.18 21.37 24.52
CA ALA D 73 -7.31 22.45 23.55
C ALA D 73 -8.78 22.75 23.36
N SER D 74 -9.08 23.98 22.92
CA SER D 74 -10.45 24.46 22.77
C SER D 74 -10.59 25.23 21.46
N LEU D 75 -11.61 24.90 20.67
CA LEU D 75 -11.96 25.71 19.50
C LEU D 75 -13.18 26.49 19.87
N THR D 76 -13.06 27.80 19.79
CA THR D 76 -14.15 28.68 20.10
C THR D 76 -14.59 29.32 18.79
N ILE D 77 -15.90 29.23 18.55
CA ILE D 77 -16.54 29.94 17.47
C ILE D 77 -17.38 31.05 18.13
N SER D 78 -16.69 32.04 18.65
CA SER D 78 -17.35 33.22 19.22
C SER D 78 -17.94 34.06 18.09
N GLY D 79 -19.26 33.95 17.90
CA GLY D 79 -19.98 34.60 16.79
C GLY D 79 -20.45 33.55 15.79
N LEU D 80 -21.29 32.65 16.27
CA LEU D 80 -21.68 31.46 15.49
C LEU D 80 -22.64 31.79 14.35
N GLN D 81 -22.37 31.25 13.17
CA GLN D 81 -23.19 31.46 11.97
C GLN D 81 -23.52 30.13 11.30
N ALA D 82 -24.58 30.14 10.48
CA ALA D 82 -25.15 28.92 9.86
C ALA D 82 -24.16 28.04 9.12
N GLU D 83 -23.23 28.68 8.42
CA GLU D 83 -22.20 27.96 7.67
C GLU D 83 -21.26 27.14 8.57
N ASP D 84 -21.19 27.46 9.86
CA ASP D 84 -20.36 26.69 10.81
C ASP D 84 -20.97 25.33 11.19
N GLU D 85 -22.21 25.04 10.75
CA GLU D 85 -22.77 23.70 10.93
C GLU D 85 -21.92 22.71 10.14
N ALA D 86 -21.19 21.87 10.87
CA ALA D 86 -20.31 20.85 10.28
C ALA D 86 -19.78 19.92 11.36
N ASP D 87 -19.01 18.91 11.00
CA ASP D 87 -18.19 18.19 11.96
C ASP D 87 -16.83 18.87 12.09
N TYR D 88 -16.29 18.88 13.31
CA TYR D 88 -14.97 19.46 13.57
C TYR D 88 -14.09 18.43 14.25
N TYR D 89 -12.84 18.29 13.80
CA TYR D 89 -11.87 17.40 14.45
C TYR D 89 -10.62 18.18 14.84
N CYS D 90 -10.12 17.90 16.04
CA CYS D 90 -8.86 18.47 16.48
C CYS D 90 -7.78 17.45 16.17
N CYS D 91 -6.54 17.92 16.31
CA CYS D 91 -5.38 17.14 15.95
C CYS D 91 -4.13 17.72 16.60
N SER D 92 -3.22 16.83 16.97
CA SER D 92 -2.01 17.22 17.67
C SER D 92 -0.85 16.32 17.33
N TYR D 93 0.35 16.92 17.28
CA TYR D 93 1.58 16.16 17.19
C TYR D 93 1.62 15.30 18.44
N ALA D 94 2.11 14.07 18.33
CA ALA D 94 2.27 13.16 19.47
C ALA D 94 3.69 12.59 19.59
N GLY D 95 4.68 13.29 19.03
CA GLY D 95 6.08 12.86 19.09
C GLY D 95 6.44 11.75 18.11
N SER D 96 7.73 11.64 17.80
CA SER D 96 8.28 10.60 16.92
C SER D 96 7.61 10.54 15.55
N TYR D 97 7.40 11.72 14.95
CA TYR D 97 6.76 11.85 13.64
C TYR D 97 5.39 11.15 13.60
N THR D 98 4.58 11.40 14.64
CA THR D 98 3.21 10.90 14.68
C THR D 98 2.24 11.99 15.08
N TYR D 99 0.99 11.79 14.66
CA TYR D 99 -0.11 12.69 14.93
C TYR D 99 -1.30 11.85 15.43
N VAL D 100 -2.13 12.49 16.23
CA VAL D 100 -3.34 11.87 16.75
C VAL D 100 -4.47 12.84 16.49
N PHE D 101 -5.60 12.31 16.02
CA PHE D 101 -6.80 13.09 15.78
C PHE D 101 -7.84 12.83 16.85
N GLY D 102 -8.80 13.75 16.97
CA GLY D 102 -9.92 13.61 17.88
C GLY D 102 -11.11 12.85 17.33
N THR D 103 -12.02 12.52 18.23
CA THR D 103 -13.22 11.77 17.95
C THR D 103 -14.30 12.52 17.18
N GLY D 104 -14.21 13.84 17.11
CA GLY D 104 -15.12 14.65 16.30
C GLY D 104 -16.32 15.21 17.06
N THR D 105 -16.73 16.41 16.69
CA THR D 105 -17.91 17.04 17.24
C THR D 105 -18.77 17.58 16.11
N LYS D 106 -20.05 17.22 16.14
CA LYS D 106 -21.04 17.88 15.28
C LYS D 106 -21.41 19.21 15.93
N VAL D 107 -21.21 20.30 15.20
CA VAL D 107 -21.74 21.61 15.60
C VAL D 107 -23.07 21.80 14.86
N THR D 108 -24.14 22.08 15.60
CA THR D 108 -25.45 22.42 15.02
C THR D 108 -25.78 23.88 15.32
N VAL D 109 -26.14 24.64 14.29
CA VAL D 109 -26.68 25.99 14.44
C VAL D 109 -28.19 25.83 14.44
N LEU D 110 -28.81 26.21 15.56
CA LEU D 110 -30.21 25.86 15.84
C LEU D 110 -31.19 26.61 14.93
N GLY D 111 -31.99 25.85 14.17
CA GLY D 111 -32.98 26.41 13.23
C GLY D 111 -34.43 25.91 13.37
N GLN D 112 -34.71 25.13 14.39
CA GLN D 112 -36.07 24.68 14.69
C GLN D 112 -36.08 24.32 16.18
N PRO D 113 -37.27 24.15 16.80
CA PRO D 113 -37.22 23.89 18.24
C PRO D 113 -36.47 22.60 18.59
N LYS D 114 -35.81 22.60 19.74
CA LYS D 114 -35.23 21.39 20.31
C LYS D 114 -36.31 20.33 20.54
N ALA D 115 -35.90 19.08 20.47
CA ALA D 115 -36.86 17.98 20.50
C ALA D 115 -36.17 16.69 20.95
N ASN D 116 -36.59 16.18 22.10
CA ASN D 116 -36.03 14.94 22.63
C ASN D 116 -36.65 13.73 21.92
N PRO D 117 -35.92 12.61 21.89
CA PRO D 117 -36.35 11.54 20.99
C PRO D 117 -37.45 10.64 21.58
N THR D 118 -38.34 10.15 20.72
CA THR D 118 -39.22 9.03 21.04
C THR D 118 -38.43 7.76 20.71
N VAL D 119 -38.45 6.80 21.62
CA VAL D 119 -37.71 5.55 21.48
C VAL D 119 -38.72 4.41 21.42
N THR D 120 -38.52 3.49 20.48
CA THR D 120 -39.33 2.27 20.35
C THR D 120 -38.36 1.09 20.29
N LEU D 121 -38.51 0.13 21.19
CA LEU D 121 -37.60 -1.01 21.25
C LEU D 121 -38.35 -2.31 20.98
N PHE D 122 -37.91 -3.04 19.97
CA PHE D 122 -38.51 -4.31 19.60
C PHE D 122 -37.60 -5.43 20.08
N PRO D 123 -38.15 -6.40 20.83
CA PRO D 123 -37.39 -7.61 21.16
C PRO D 123 -37.28 -8.55 19.91
N PRO D 124 -36.41 -9.57 19.95
CA PRO D 124 -36.30 -10.51 18.84
C PRO D 124 -37.62 -11.25 18.60
N SER D 125 -38.02 -11.43 17.36
CA SER D 125 -39.23 -12.21 17.07
C SER D 125 -38.92 -13.67 17.34
N SER D 126 -39.95 -14.43 17.67
CA SER D 126 -39.76 -15.87 17.84
C SER D 126 -39.33 -16.52 16.52
N GLU D 127 -39.77 -15.93 15.40
CA GLU D 127 -39.35 -16.41 14.07
C GLU D 127 -37.83 -16.34 13.95
N GLU D 128 -37.23 -15.24 14.41
CA GLU D 128 -35.76 -15.10 14.32
C GLU D 128 -35.05 -16.03 15.30
N LEU D 129 -35.60 -16.14 16.50
CA LEU D 129 -35.12 -17.10 17.48
C LEU D 129 -35.08 -18.52 16.89
N GLN D 130 -36.10 -18.89 16.12
CA GLN D 130 -36.15 -20.21 15.45
C GLN D 130 -35.05 -20.37 14.39
N ALA D 131 -34.69 -19.26 13.74
CA ALA D 131 -33.56 -19.22 12.82
C ALA D 131 -32.21 -19.23 13.53
N ASN D 132 -32.19 -19.33 14.85
CA ASN D 132 -30.97 -19.38 15.64
C ASN D 132 -30.22 -18.05 15.67
N LYS D 133 -30.97 -16.95 15.72
CA LYS D 133 -30.43 -15.60 15.79
C LYS D 133 -31.32 -14.77 16.70
N ALA D 134 -30.79 -13.66 17.21
CA ALA D 134 -31.60 -12.73 17.99
C ALA D 134 -31.11 -11.31 17.77
N THR D 135 -32.05 -10.41 17.43
CA THR D 135 -31.75 -8.98 17.20
C THR D 135 -32.74 -8.11 17.97
N LEU D 136 -32.21 -7.20 18.78
CA LEU D 136 -33.02 -6.14 19.35
C LEU D 136 -32.95 -4.93 18.43
N VAL D 137 -34.08 -4.27 18.19
CA VAL D 137 -34.14 -3.16 17.25
C VAL D 137 -34.68 -1.93 18.01
N CYS D 138 -33.83 -0.90 18.04
CA CYS D 138 -34.11 0.33 18.76
C CYS D 138 -34.20 1.49 17.78
N LEU D 139 -35.44 1.97 17.62
CA LEU D 139 -35.77 3.05 16.70
C LEU D 139 -35.94 4.34 17.50
N ILE D 140 -35.24 5.36 17.06
CA ILE D 140 -35.11 6.62 17.79
C ILE D 140 -35.61 7.68 16.86
N SER D 141 -36.72 8.34 17.21
CA SER D 141 -37.42 9.22 16.28
C SER D 141 -37.64 10.63 16.77
N ASP D 142 -38.00 11.50 15.84
CA ASP D 142 -38.45 12.88 16.09
C ASP D 142 -37.54 13.70 17.02
N PHE D 143 -36.22 13.70 16.76
CA PHE D 143 -35.27 14.48 17.59
C PHE D 143 -34.50 15.56 16.83
N TYR D 144 -34.05 16.56 17.57
CA TYR D 144 -33.29 17.72 17.05
C TYR D 144 -32.55 18.39 18.22
N PRO D 145 -31.26 18.74 18.11
CA PRO D 145 -30.38 18.50 16.98
C PRO D 145 -30.20 17.01 16.66
N GLY D 146 -29.73 16.74 15.45
CA GLY D 146 -29.53 15.37 14.96
C GLY D 146 -28.27 14.71 15.50
N ALA D 147 -28.16 14.58 16.82
CA ALA D 147 -27.06 13.85 17.47
C ALA D 147 -27.59 13.18 18.73
N VAL D 148 -27.45 11.85 18.81
CA VAL D 148 -27.84 11.05 19.98
C VAL D 148 -26.72 10.09 20.33
N THR D 149 -26.73 9.59 21.55
CA THR D 149 -25.74 8.64 22.02
C THR D 149 -26.54 7.45 22.54
N VAL D 150 -26.27 6.27 21.98
CA VAL D 150 -27.01 5.07 22.34
C VAL D 150 -26.17 4.21 23.27
N ALA D 151 -26.82 3.64 24.28
CA ALA D 151 -26.17 2.75 25.24
C ALA D 151 -27.09 1.55 25.52
N TRP D 152 -26.58 0.33 25.35
CA TRP D 152 -27.40 -0.88 25.55
C TRP D 152 -27.08 -1.55 26.86
N LYS D 153 -28.10 -2.17 27.48
CA LYS D 153 -27.93 -2.87 28.76
C LYS D 153 -28.53 -4.27 28.76
N ALA D 154 -27.82 -5.18 29.41
CA ALA D 154 -28.34 -6.50 29.78
C ALA D 154 -28.45 -6.48 31.30
N ASP D 155 -29.66 -6.64 31.84
CA ASP D 155 -29.92 -6.62 33.29
C ASP D 155 -29.40 -5.33 33.97
N GLY D 156 -29.43 -4.21 33.25
CA GLY D 156 -28.80 -2.97 33.71
C GLY D 156 -27.29 -2.85 33.53
N SER D 157 -26.61 -3.94 33.17
CA SER D 157 -25.17 -3.94 32.92
C SER D 157 -24.89 -3.42 31.49
N PRO D 158 -23.83 -2.58 31.30
CA PRO D 158 -23.52 -2.08 29.95
C PRO D 158 -23.15 -3.19 28.97
N VAL D 159 -23.52 -3.01 27.70
CA VAL D 159 -23.20 -3.97 26.62
C VAL D 159 -22.52 -3.25 25.45
N LYS D 160 -21.31 -3.70 25.10
CA LYS D 160 -20.52 -3.13 23.99
C LYS D 160 -20.57 -3.95 22.70
N ALA D 161 -20.47 -5.28 22.80
CA ALA D 161 -20.34 -6.14 21.62
C ALA D 161 -21.66 -6.25 20.85
N GLY D 162 -21.57 -6.42 19.54
CA GLY D 162 -22.75 -6.64 18.72
C GLY D 162 -23.71 -5.47 18.63
N VAL D 163 -23.18 -4.25 18.69
CA VAL D 163 -23.97 -3.02 18.57
C VAL D 163 -23.65 -2.40 17.20
N GLU D 164 -24.68 -1.96 16.49
CA GLU D 164 -24.53 -1.27 15.20
C GLU D 164 -25.59 -0.20 15.26
N THR D 165 -25.19 1.03 14.96
CA THR D 165 -26.02 2.21 15.10
C THR D 165 -25.86 3.04 13.84
N THR D 166 -26.98 3.52 13.30
CA THR D 166 -26.97 4.28 12.06
C THR D 166 -26.79 5.74 12.46
N LYS D 167 -26.10 6.49 11.60
CA LYS D 167 -25.98 7.92 11.73
C LYS D 167 -27.38 8.55 11.54
N PRO D 168 -27.73 9.56 12.34
CA PRO D 168 -29.08 10.15 12.19
C PRO D 168 -29.37 10.78 10.82
N SER D 169 -30.64 10.81 10.42
CA SER D 169 -31.08 11.53 9.21
C SER D 169 -32.51 12.06 9.31
N LYS D 170 -32.83 13.07 8.51
CA LYS D 170 -34.12 13.77 8.60
C LYS D 170 -35.32 12.92 8.16
N GLN D 171 -36.53 13.43 8.43
CA GLN D 171 -37.76 12.92 7.79
C GLN D 171 -38.78 14.02 7.53
N ASN D 174 -39.28 17.05 9.39
CA ASN D 174 -38.00 17.77 9.48
C ASN D 174 -37.17 17.47 10.74
N LYS D 175 -37.59 16.50 11.53
CA LYS D 175 -36.82 16.07 12.69
C LYS D 175 -35.94 14.87 12.29
N TYR D 176 -35.08 14.43 13.21
CA TYR D 176 -34.16 13.32 12.94
C TYR D 176 -34.66 11.99 13.46
N ALA D 177 -34.14 10.95 12.84
CA ALA D 177 -34.33 9.60 13.32
C ALA D 177 -33.06 8.79 13.10
N ALA D 178 -32.87 7.81 13.95
CA ALA D 178 -31.73 6.92 13.91
C ALA D 178 -32.18 5.53 14.38
N SER D 179 -31.31 4.55 14.16
CA SER D 179 -31.60 3.18 14.57
C SER D 179 -30.38 2.56 15.18
N SER D 180 -30.60 1.63 16.10
CA SER D 180 -29.53 0.85 16.72
C SER D 180 -29.94 -0.61 16.90
N TYR D 181 -28.97 -1.51 16.80
CA TYR D 181 -29.21 -2.96 16.73
C TYR D 181 -28.30 -3.65 17.70
N LEU D 182 -28.88 -4.56 18.51
CA LEU D 182 -28.08 -5.39 19.38
C LEU D 182 -28.30 -6.83 18.96
N SER D 183 -27.22 -7.46 18.50
CA SER D 183 -27.25 -8.83 18.08
C SER D 183 -26.85 -9.72 19.25
N LEU D 184 -27.66 -10.75 19.49
CA LEU D 184 -27.51 -11.70 20.58
C LEU D 184 -27.70 -13.13 20.07
N THR D 185 -27.23 -14.11 20.81
CA THR D 185 -27.64 -15.50 20.57
C THR D 185 -29.01 -15.67 21.24
N PRO D 186 -29.79 -16.63 20.76
CA PRO D 186 -31.03 -16.98 21.49
C PRO D 186 -30.82 -17.36 22.97
N GLU D 187 -29.72 -18.05 23.28
CA GLU D 187 -29.38 -18.39 24.66
C GLU D 187 -29.20 -17.15 25.55
N GLN D 188 -28.43 -16.17 25.06
CA GLN D 188 -28.24 -14.90 25.77
C GLN D 188 -29.55 -14.21 26.06
N TRP D 189 -30.34 -14.07 25.00
CA TRP D 189 -31.66 -13.43 25.10
C TRP D 189 -32.54 -14.05 26.21
N LYS D 190 -32.60 -15.38 26.26
CA LYS D 190 -33.44 -16.09 27.25
C LYS D 190 -32.92 -16.10 28.70
N SER D 191 -31.60 -16.04 28.90
CA SER D 191 -31.01 -16.13 30.25
C SER D 191 -30.93 -14.81 31.03
N HIS D 192 -31.11 -13.68 30.35
CA HIS D 192 -31.17 -12.38 31.04
C HIS D 192 -32.62 -12.00 31.36
N ARG D 193 -32.80 -11.26 32.44
CA ARG D 193 -34.12 -10.79 32.85
C ARG D 193 -34.62 -9.68 31.93
N SER D 194 -33.72 -8.77 31.54
CA SER D 194 -34.09 -7.68 30.66
C SER D 194 -32.95 -7.19 29.78
N TYR D 195 -33.34 -6.49 28.73
CA TYR D 195 -32.43 -5.72 27.93
C TYR D 195 -33.07 -4.35 27.78
N SER D 196 -32.22 -3.31 27.67
CA SER D 196 -32.68 -1.94 27.49
C SER D 196 -31.85 -1.20 26.46
N CYS D 197 -32.53 -0.31 25.73
CA CYS D 197 -31.91 0.69 24.87
C CYS D 197 -32.06 2.08 25.55
N GLN D 198 -30.94 2.65 25.96
CA GLN D 198 -30.91 3.96 26.64
C GLN D 198 -30.37 4.99 25.67
N VAL D 199 -31.19 5.98 25.34
CA VAL D 199 -30.79 7.02 24.39
C VAL D 199 -30.58 8.32 25.15
N THR D 200 -29.45 8.99 24.89
CA THR D 200 -29.13 10.29 25.49
C THR D 200 -29.16 11.40 24.43
N HIS D 201 -29.84 12.48 24.76
CA HIS D 201 -29.98 13.61 23.86
C HIS D 201 -30.10 14.90 24.65
N GLU D 202 -29.12 15.79 24.48
CA GLU D 202 -29.05 17.08 25.18
C GLU D 202 -29.11 16.95 26.71
N GLY D 203 -28.31 16.05 27.26
CA GLY D 203 -28.22 15.89 28.72
C GLY D 203 -29.48 15.33 29.37
N SER D 204 -30.22 14.52 28.61
CA SER D 204 -31.44 13.87 29.06
C SER D 204 -31.41 12.45 28.57
N THR D 205 -32.06 11.55 29.31
CA THR D 205 -32.03 10.13 29.02
C THR D 205 -33.45 9.56 28.90
N VAL D 206 -33.69 8.81 27.82
CA VAL D 206 -34.91 8.03 27.62
C VAL D 206 -34.48 6.56 27.50
N GLU D 207 -35.20 5.67 28.19
CA GLU D 207 -34.91 4.22 28.18
C GLU D 207 -36.20 3.40 27.98
N LYS D 208 -36.12 2.43 27.07
CA LYS D 208 -37.13 1.39 26.90
C LYS D 208 -36.44 0.09 27.24
N THR D 209 -37.23 -0.85 27.77
CA THR D 209 -36.76 -2.13 28.28
C THR D 209 -37.62 -3.27 27.72
N VAL D 210 -36.97 -4.38 27.35
CA VAL D 210 -37.68 -5.61 26.96
C VAL D 210 -37.14 -6.81 27.74
N ALA D 211 -37.94 -7.87 27.77
CA ALA D 211 -37.65 -9.08 28.53
C ALA D 211 -38.20 -10.29 27.77
N PRO D 212 -37.54 -11.46 27.87
CA PRO D 212 -38.08 -12.67 27.20
C PRO D 212 -39.38 -13.22 27.80
P PO4 E . 28.39 15.66 -7.62
O1 PO4 E . 29.29 16.72 -7.04
O2 PO4 E . 27.94 14.76 -6.49
O3 PO4 E . 27.19 16.31 -8.29
O4 PO4 E . 29.11 14.81 -8.65
P PO4 F . -30.06 -15.48 7.59
O1 PO4 F . -30.50 -14.74 8.84
O2 PO4 F . -28.60 -15.16 7.38
O3 PO4 F . -30.92 -15.02 6.43
O4 PO4 F . -30.21 -16.98 7.73
#